data_8WCO
#
_entry.id   8WCO
#
_cell.length_a   95.874
_cell.length_b   79.144
_cell.length_c   121.515
_cell.angle_alpha   90.000
_cell.angle_beta   102.040
_cell.angle_gamma   90.000
#
_symmetry.space_group_name_H-M   'I 1 2 1'
#
loop_
_entity.id
_entity.type
_entity.pdbx_description
1 polymer 'Probable acyl-CoA lyase beta chain'
2 non-polymer 'ACETYL COENZYME *A'
3 water water
#
_entity_poly.entity_id   1
_entity_poly.type   'polypeptide(L)'
_entity_poly.pdbx_seq_one_letter_code
;MNRQIVRSALFVPATRPERIPKALASGADRVIVDLEDAVEEGLKVEARANLRRFLVDTPEARVLVRINAAEHPGHADDLA
LCRDHAGVIGLLLPKVESAAQVRHAAVASGKPVWPIVESARGLAALGEIAAAAGVERLSFGSLDLALDLDLNSGSNAAEQ
ILGHARYALLLQTRLAGLAPPLDGVYPAIQNRAGLVEAVRFARDMGFGGLLCIHPSQVEPIHQTLMPSPAELEWARRVAE
AGASGAGVFVVDGEMVDAPVLGRARRLLERAGEGG
;
_entity_poly.pdbx_strand_id   A,B,C
#
loop_
_chem_comp.id
_chem_comp.type
_chem_comp.name
_chem_comp.formula
ACO non-polymer 'ACETYL COENZYME *A' 'C23 H38 N7 O17 P3 S'
#
# COMPACT_ATOMS: atom_id res chain seq x y z
N MET A 1 -24.34 15.06 7.19
CA MET A 1 -24.75 15.39 5.83
C MET A 1 -25.54 14.25 5.22
N ASN A 2 -25.54 14.26 3.90
CA ASN A 2 -26.11 13.16 3.12
C ASN A 2 -25.14 12.00 3.16
N ARG A 3 -25.59 10.85 3.68
CA ARG A 3 -24.79 9.64 3.72
C ARG A 3 -25.14 8.67 2.58
N GLN A 4 -25.65 9.19 1.48
CA GLN A 4 -26.14 8.36 0.38
C GLN A 4 -25.06 8.17 -0.67
N ILE A 5 -25.30 7.21 -1.55
CA ILE A 5 -24.33 6.91 -2.59
C ILE A 5 -24.51 7.90 -3.73
N VAL A 6 -23.42 8.50 -4.16
CA VAL A 6 -23.37 9.22 -5.43
C VAL A 6 -22.64 8.34 -6.43
N ARG A 7 -23.33 7.94 -7.49
CA ARG A 7 -22.73 7.01 -8.47
C ARG A 7 -22.00 7.83 -9.53
N SER A 8 -22.40 9.08 -9.70
CA SER A 8 -21.84 9.93 -10.78
C SER A 8 -21.78 11.39 -10.36
N ALA A 9 -20.63 12.02 -10.56
CA ALA A 9 -20.48 13.46 -10.27
C ALA A 9 -19.88 14.10 -11.52
N LEU A 10 -20.74 14.62 -12.40
CA LEU A 10 -20.29 15.13 -13.73
C LEU A 10 -19.79 16.57 -13.64
N PHE A 11 -18.52 16.76 -13.97
CA PHE A 11 -17.89 18.09 -14.02
C PHE A 11 -18.36 18.84 -15.28
N VAL A 12 -18.72 20.11 -15.18
CA VAL A 12 -19.02 21.00 -16.33
C VAL A 12 -18.45 22.37 -15.92
N PRO A 13 -17.59 23.01 -16.74
CA PRO A 13 -17.03 24.31 -16.40
C PRO A 13 -18.04 25.47 -16.53
N ALA A 14 -17.86 26.54 -15.74
CA ALA A 14 -18.79 27.70 -15.72
C ALA A 14 -18.60 28.57 -16.96
N THR A 15 -17.62 28.23 -17.79
CA THR A 15 -17.35 28.90 -19.08
C THR A 15 -18.36 28.35 -20.06
N ARG A 16 -18.99 27.22 -19.72
CA ARG A 16 -19.99 26.52 -20.57
C ARG A 16 -21.41 26.58 -20.00
N PRO A 17 -22.02 27.76 -19.81
CA PRO A 17 -23.32 27.85 -19.15
C PRO A 17 -24.41 27.03 -19.85
N GLU A 18 -24.28 26.82 -21.15
CA GLU A 18 -25.27 26.08 -21.97
C GLU A 18 -25.14 24.57 -21.75
N ARG A 19 -23.98 24.09 -21.31
CA ARG A 19 -23.74 22.65 -21.06
C ARG A 19 -24.08 22.26 -19.62
N ILE A 20 -24.44 23.20 -18.74
CA ILE A 20 -24.85 22.88 -17.34
C ILE A 20 -26.24 22.25 -17.39
N PRO A 21 -27.20 22.79 -18.15
CA PRO A 21 -28.48 22.13 -18.32
C PRO A 21 -28.32 20.73 -18.91
N LYS A 22 -27.41 20.57 -19.86
CA LYS A 22 -27.12 19.26 -20.50
C LYS A 22 -26.59 18.29 -19.45
N ALA A 23 -25.73 18.75 -18.55
CA ALA A 23 -25.14 17.94 -17.46
C ALA A 23 -26.23 17.35 -16.58
N LEU A 24 -27.19 18.16 -16.17
CA LEU A 24 -28.28 17.72 -15.25
C LEU A 24 -29.23 16.73 -15.95
N ALA A 25 -29.38 16.81 -17.26
CA ALA A 25 -30.25 15.89 -18.01
C ALA A 25 -29.55 14.55 -18.25
N SER A 26 -28.23 14.51 -18.06
CA SER A 26 -27.42 13.27 -18.24
C SER A 26 -27.94 12.17 -17.34
N GLY A 27 -28.57 12.53 -16.23
CA GLY A 27 -28.96 11.50 -15.26
C GLY A 27 -27.91 11.31 -14.20
N ALA A 28 -26.91 12.18 -14.19
CA ALA A 28 -25.85 12.12 -13.17
C ALA A 28 -26.43 12.38 -11.78
N ASP A 29 -26.00 11.60 -10.79
CA ASP A 29 -26.45 11.76 -9.39
C ASP A 29 -26.06 13.16 -8.91
N ARG A 30 -24.87 13.61 -9.26
CA ARG A 30 -24.47 15.00 -8.95
C ARG A 30 -23.85 15.68 -10.18
N VAL A 31 -23.98 16.99 -10.29
CA VAL A 31 -23.27 17.77 -11.35
C VAL A 31 -22.37 18.78 -10.64
N ILE A 32 -21.11 18.89 -11.06
CA ILE A 32 -20.14 19.82 -10.48
C ILE A 32 -19.90 20.94 -11.49
N VAL A 33 -20.28 22.14 -11.11
CA VAL A 33 -19.95 23.31 -11.98
C VAL A 33 -18.58 23.77 -11.53
N ASP A 34 -17.65 23.93 -12.46
CA ASP A 34 -16.26 24.26 -12.07
C ASP A 34 -15.94 25.73 -12.25
N LEU A 35 -15.20 26.30 -11.29
CA LEU A 35 -14.75 27.69 -11.35
C LEU A 35 -13.23 27.70 -11.29
N GLU A 36 -12.57 26.54 -11.18
CA GLU A 36 -11.10 26.49 -10.94
C GLU A 36 -10.28 25.95 -12.13
N ASP A 37 -9.70 24.74 -12.14
CA ASP A 37 -8.71 24.28 -13.16
C ASP A 37 -9.28 23.95 -14.53
N ALA A 38 -10.56 24.19 -14.81
CA ALA A 38 -11.10 24.05 -16.18
C ALA A 38 -11.38 25.46 -16.69
N VAL A 39 -11.29 26.44 -15.79
CA VAL A 39 -11.59 27.84 -16.15
C VAL A 39 -10.29 28.63 -16.14
N GLU A 40 -9.96 29.24 -17.28
CA GLU A 40 -8.73 30.04 -17.43
C GLU A 40 -8.83 31.25 -16.51
N GLU A 41 -7.70 31.68 -15.95
CA GLU A 41 -7.71 32.82 -15.03
C GLU A 41 -8.61 33.96 -15.49
N GLY A 42 -8.43 34.44 -16.73
CA GLY A 42 -9.15 35.63 -17.16
C GLY A 42 -10.65 35.44 -17.19
N LEU A 43 -11.12 34.20 -17.22
CA LEU A 43 -12.54 33.95 -17.33
C LEU A 43 -13.17 33.55 -15.99
N LYS A 44 -12.39 33.56 -14.90
CA LYS A 44 -12.95 33.06 -13.65
C LYS A 44 -14.06 33.96 -13.16
N VAL A 45 -13.88 35.28 -13.31
CA VAL A 45 -14.88 36.22 -12.84
C VAL A 45 -16.14 36.11 -13.67
N GLU A 46 -16.01 36.17 -15.00
CA GLU A 46 -17.15 36.02 -15.87
C GLU A 46 -17.78 34.64 -15.72
N ALA A 47 -16.95 33.62 -15.51
CA ALA A 47 -17.49 32.28 -15.28
C ALA A 47 -18.32 32.22 -14.00
N ARG A 48 -17.89 32.92 -12.94
CA ARG A 48 -18.69 32.97 -11.71
C ARG A 48 -20.03 33.62 -11.96
N ALA A 49 -20.04 34.65 -12.78
CA ALA A 49 -21.29 35.32 -13.05
C ALA A 49 -22.20 34.44 -13.91
N ASN A 50 -21.61 33.65 -14.81
CA ASN A 50 -22.41 32.71 -15.61
C ASN A 50 -23.12 31.72 -14.72
N LEU A 51 -22.44 31.27 -13.67
CA LEU A 51 -23.03 30.30 -12.75
C LEU A 51 -24.10 30.96 -11.90
N ARG A 52 -23.86 32.18 -11.44
CA ARG A 52 -24.87 32.88 -10.66
C ARG A 52 -26.16 33.04 -11.47
N ARG A 53 -26.04 33.43 -12.73
CA ARG A 53 -27.23 33.58 -13.57
C ARG A 53 -27.92 32.24 -13.79
N PHE A 54 -27.14 31.16 -13.93
CA PHE A 54 -27.76 29.84 -14.07
C PHE A 54 -28.54 29.45 -12.82
N LEU A 55 -27.96 29.66 -11.64
CA LEU A 55 -28.68 29.31 -10.41
C LEU A 55 -29.92 30.18 -10.24
N VAL A 56 -29.80 31.48 -10.55
CA VAL A 56 -30.93 32.39 -10.42
C VAL A 56 -32.08 31.96 -11.33
N ASP A 57 -31.76 31.63 -12.59
CA ASP A 57 -32.76 31.29 -13.60
C ASP A 57 -33.31 29.89 -13.42
N THR A 58 -32.68 29.08 -12.58
CA THR A 58 -33.02 27.66 -12.43
C THR A 58 -33.09 27.31 -10.94
N PRO A 59 -34.04 27.89 -10.20
CA PRO A 59 -34.03 27.70 -8.73
C PRO A 59 -34.15 26.25 -8.26
N GLU A 60 -34.81 25.39 -9.04
CA GLU A 60 -34.95 23.98 -8.71
C GLU A 60 -33.69 23.17 -8.98
N ALA A 61 -32.70 23.75 -9.68
CA ALA A 61 -31.44 23.07 -9.95
C ALA A 61 -30.59 23.03 -8.69
N ARG A 62 -29.98 21.87 -8.45
CA ARG A 62 -29.12 21.66 -7.30
C ARG A 62 -27.79 21.10 -7.80
N VAL A 63 -26.71 21.84 -7.55
CA VAL A 63 -25.41 21.51 -8.11
C VAL A 63 -24.35 21.62 -7.03
N LEU A 64 -23.19 21.08 -7.40
CA LEU A 64 -22.00 21.17 -6.54
C LEU A 64 -21.04 22.08 -7.30
N VAL A 65 -20.21 22.81 -6.58
CA VAL A 65 -19.29 23.76 -7.25
C VAL A 65 -17.86 23.47 -6.82
N ARG A 66 -16.96 23.28 -7.77
CA ARG A 66 -15.53 23.22 -7.41
C ARG A 66 -15.06 24.68 -7.41
N ILE A 67 -14.81 25.21 -6.21
CA ILE A 67 -14.32 26.57 -6.05
C ILE A 67 -12.80 26.62 -6.19
N ASN A 68 -12.25 27.82 -6.21
CA ASN A 68 -10.82 28.00 -6.13
C ASN A 68 -10.38 27.94 -4.67
N ALA A 69 -9.19 27.39 -4.45
CA ALA A 69 -8.71 27.22 -3.10
C ALA A 69 -8.28 28.56 -2.54
N ALA A 70 -7.90 28.56 -1.25
CA ALA A 70 -7.62 29.81 -0.54
C ALA A 70 -6.41 30.54 -1.10
N GLU A 71 -5.51 29.86 -1.82
CA GLU A 71 -4.41 30.57 -2.46
C GLU A 71 -4.90 31.53 -3.53
N HIS A 72 -6.12 31.35 -4.01
CA HIS A 72 -6.58 32.16 -5.12
C HIS A 72 -7.31 33.43 -4.65
N PRO A 73 -7.15 34.54 -5.37
CA PRO A 73 -7.84 35.78 -4.95
C PRO A 73 -9.36 35.72 -5.05
N GLY A 74 -9.93 34.87 -5.90
CA GLY A 74 -11.37 34.79 -6.01
C GLY A 74 -12.02 33.89 -4.98
N HIS A 75 -11.23 33.30 -4.10
CA HIS A 75 -11.74 32.34 -3.11
C HIS A 75 -13.00 32.84 -2.41
N ALA A 76 -12.93 34.02 -1.81
CA ALA A 76 -14.06 34.50 -1.00
C ALA A 76 -15.30 34.76 -1.86
N ASP A 77 -15.11 35.31 -3.07
CA ASP A 77 -16.23 35.45 -3.98
C ASP A 77 -16.79 34.11 -4.41
N ASP A 78 -15.93 33.08 -4.51
CA ASP A 78 -16.42 31.74 -4.79
C ASP A 78 -17.23 31.19 -3.62
N LEU A 79 -16.71 31.34 -2.40
CA LEU A 79 -17.46 30.89 -1.23
C LEU A 79 -18.78 31.63 -1.11
N ALA A 80 -18.81 32.93 -1.44
CA ALA A 80 -20.06 33.67 -1.28
C ALA A 80 -21.13 33.16 -2.23
N LEU A 81 -20.72 32.77 -3.44
CA LEU A 81 -21.69 32.21 -4.36
C LEU A 81 -22.26 30.90 -3.83
N CYS A 82 -21.42 30.08 -3.17
CA CYS A 82 -21.90 28.80 -2.66
C CYS A 82 -22.90 29.01 -1.52
N ARG A 83 -22.67 30.07 -0.72
CA ARG A 83 -23.47 30.36 0.46
C ARG A 83 -24.81 30.97 0.11
N ASP A 84 -24.89 31.71 -0.98
CA ASP A 84 -26.02 32.59 -1.21
C ASP A 84 -27.09 32.02 -2.14
N HIS A 85 -26.87 30.85 -2.76
CA HIS A 85 -27.88 30.23 -3.61
C HIS A 85 -28.21 28.83 -3.08
N ALA A 86 -29.49 28.56 -2.87
CA ALA A 86 -29.88 27.26 -2.33
C ALA A 86 -29.53 26.12 -3.28
N GLY A 87 -29.37 26.41 -4.56
CA GLY A 87 -29.04 25.38 -5.51
C GLY A 87 -27.67 24.78 -5.31
N VAL A 88 -26.78 25.49 -4.62
CA VAL A 88 -25.46 24.96 -4.29
C VAL A 88 -25.58 24.08 -3.06
N ILE A 89 -25.50 22.77 -3.24
CA ILE A 89 -25.75 21.85 -2.14
C ILE A 89 -24.45 21.30 -1.57
N GLY A 90 -23.32 21.82 -2.04
CA GLY A 90 -22.02 21.39 -1.57
C GLY A 90 -20.97 21.98 -2.47
N LEU A 91 -19.72 21.84 -2.05
CA LEU A 91 -18.58 22.38 -2.81
C LEU A 91 -17.39 21.42 -2.76
N LEU A 92 -16.68 21.35 -3.87
CA LEU A 92 -15.46 20.54 -3.93
C LEU A 92 -14.32 21.46 -3.53
N LEU A 93 -13.59 21.10 -2.48
CA LEU A 93 -12.41 21.88 -2.09
C LEU A 93 -11.19 21.23 -2.73
N PRO A 94 -10.59 21.84 -3.77
CA PRO A 94 -9.40 21.24 -4.38
C PRO A 94 -8.17 21.55 -3.55
N LYS A 95 -7.10 20.78 -3.82
CA LYS A 95 -5.78 21.02 -3.23
C LYS A 95 -5.82 21.01 -1.71
N VAL A 96 -6.73 20.22 -1.11
CA VAL A 96 -6.91 20.27 0.33
C VAL A 96 -5.70 19.66 1.01
N GLU A 97 -5.17 20.37 2.02
CA GLU A 97 -3.96 19.91 2.71
C GLU A 97 -4.08 20.08 4.23
N SER A 98 -5.23 20.48 4.73
CA SER A 98 -5.39 20.69 6.16
C SER A 98 -6.87 20.63 6.51
N ALA A 99 -7.14 20.21 7.75
CA ALA A 99 -8.49 20.26 8.27
C ALA A 99 -8.97 21.69 8.38
N ALA A 100 -8.04 22.61 8.66
CA ALA A 100 -8.42 24.01 8.78
C ALA A 100 -8.96 24.55 7.46
N GLN A 101 -8.40 24.09 6.32
CA GLN A 101 -8.94 24.52 5.03
C GLN A 101 -10.37 24.04 4.86
N VAL A 102 -10.66 22.82 5.34
CA VAL A 102 -12.02 22.28 5.31
C VAL A 102 -12.95 23.10 6.19
N ARG A 103 -12.53 23.43 7.41
CA ARG A 103 -13.44 24.15 8.31
C ARG A 103 -13.74 25.56 7.79
N HIS A 104 -12.75 26.22 7.19
CA HIS A 104 -12.99 27.57 6.71
C HIS A 104 -13.93 27.58 5.51
N ALA A 105 -13.73 26.67 4.55
CA ALA A 105 -14.65 26.59 3.41
C ALA A 105 -16.04 26.15 3.84
N ALA A 106 -16.14 25.25 4.82
CA ALA A 106 -17.44 24.81 5.31
C ALA A 106 -18.20 25.95 6.00
N VAL A 107 -17.58 26.62 6.97
CA VAL A 107 -18.24 27.66 7.74
C VAL A 107 -18.63 28.84 6.85
N ALA A 108 -17.71 29.29 5.97
CA ALA A 108 -17.97 30.48 5.17
C ALA A 108 -19.05 30.22 4.13
N SER A 109 -19.08 28.99 3.60
CA SER A 109 -20.10 28.61 2.64
C SER A 109 -21.39 28.20 3.33
N GLY A 110 -21.30 27.68 4.56
CA GLY A 110 -22.47 27.08 5.19
C GLY A 110 -22.96 25.81 4.52
N LYS A 111 -22.13 25.17 3.71
CA LYS A 111 -22.48 24.02 2.89
C LYS A 111 -21.49 22.89 3.11
N PRO A 112 -21.87 21.66 2.76
CA PRO A 112 -20.96 20.53 2.97
C PRO A 112 -19.78 20.54 2.00
N VAL A 113 -18.63 20.08 2.48
CA VAL A 113 -17.38 20.09 1.71
C VAL A 113 -17.06 18.67 1.26
N TRP A 114 -16.73 18.55 -0.02
CA TRP A 114 -16.17 17.30 -0.58
C TRP A 114 -14.69 17.62 -0.78
N PRO A 115 -13.81 17.29 0.17
CA PRO A 115 -12.39 17.49 -0.03
C PRO A 115 -11.85 16.64 -1.18
N ILE A 116 -11.06 17.23 -2.06
CA ILE A 116 -10.42 16.48 -3.18
C ILE A 116 -8.96 16.26 -2.80
N VAL A 117 -8.55 15.01 -2.65
CA VAL A 117 -7.12 14.72 -2.39
C VAL A 117 -6.38 14.77 -3.73
N GLU A 118 -5.48 15.74 -3.89
CA GLU A 118 -4.78 15.95 -5.18
C GLU A 118 -3.26 16.06 -4.98
N SER A 119 -2.74 15.77 -3.78
CA SER A 119 -1.31 15.96 -3.58
C SER A 119 -0.78 15.07 -2.46
N ALA A 120 0.55 14.87 -2.50
CA ALA A 120 1.23 14.20 -1.41
C ALA A 120 0.87 14.82 -0.07
N ARG A 121 0.92 16.15 0.04
CA ARG A 121 0.56 16.76 1.33
C ARG A 121 -0.85 16.38 1.75
N GLY A 122 -1.80 16.37 0.81
CA GLY A 122 -3.16 15.97 1.16
C GLY A 122 -3.21 14.60 1.78
N LEU A 123 -2.52 13.63 1.17
CA LEU A 123 -2.55 12.27 1.67
C LEU A 123 -1.99 12.22 3.09
N ALA A 124 -0.89 12.92 3.33
CA ALA A 124 -0.26 12.83 4.63
C ALA A 124 -1.16 13.39 5.72
N ALA A 125 -2.00 14.39 5.39
CA ALA A 125 -2.86 15.02 6.37
C ALA A 125 -4.29 14.46 6.34
N LEU A 126 -4.48 13.30 5.70
CA LEU A 126 -5.83 12.85 5.36
C LEU A 126 -6.64 12.45 6.58
N GLY A 127 -6.00 11.93 7.63
CA GLY A 127 -6.68 11.72 8.90
C GLY A 127 -7.41 12.97 9.38
N GLU A 128 -6.65 14.06 9.55
CA GLU A 128 -7.20 15.36 9.93
C GLU A 128 -8.34 15.80 9.00
N ILE A 129 -8.11 15.70 7.69
CA ILE A 129 -9.02 16.22 6.68
C ILE A 129 -10.32 15.44 6.70
N ALA A 130 -10.24 14.10 6.72
CA ALA A 130 -11.49 13.32 6.65
C ALA A 130 -12.32 13.52 7.90
N ALA A 131 -11.65 13.77 9.03
CA ALA A 131 -12.28 13.91 10.33
C ALA A 131 -12.76 15.34 10.60
N ALA A 132 -12.47 16.28 9.71
CA ALA A 132 -12.80 17.67 9.92
C ALA A 132 -14.31 17.94 9.78
N ALA A 133 -14.80 18.92 10.54
CA ALA A 133 -16.23 19.23 10.54
C ALA A 133 -16.65 19.88 9.23
N GLY A 134 -17.73 19.37 8.64
CA GLY A 134 -18.23 19.84 7.36
C GLY A 134 -18.04 18.85 6.23
N VAL A 135 -17.26 17.79 6.46
CA VAL A 135 -16.91 16.80 5.45
C VAL A 135 -18.07 15.85 5.25
N GLU A 136 -18.47 15.67 4.00
CA GLU A 136 -19.48 14.70 3.64
C GLU A 136 -18.89 13.42 3.06
N ARG A 137 -17.92 13.57 2.15
CA ARG A 137 -17.29 12.42 1.51
C ARG A 137 -16.04 12.92 0.83
N LEU A 138 -15.14 11.98 0.51
CA LEU A 138 -13.91 12.30 -0.19
C LEU A 138 -13.99 11.89 -1.66
N SER A 139 -13.18 12.57 -2.47
CA SER A 139 -13.05 12.31 -3.92
C SER A 139 -11.56 12.53 -4.18
N PHE A 140 -11.06 12.13 -5.33
CA PHE A 140 -9.60 12.16 -5.53
C PHE A 140 -9.22 12.68 -6.91
N GLY A 141 -8.23 13.58 -6.96
CA GLY A 141 -7.66 14.07 -8.23
C GLY A 141 -6.61 13.11 -8.74
N SER A 142 -6.98 12.17 -9.61
CA SER A 142 -6.08 11.13 -10.17
C SER A 142 -4.99 11.75 -11.03
N LEU A 143 -5.34 12.68 -11.89
CA LEU A 143 -4.38 13.33 -12.81
C LEU A 143 -3.54 14.33 -12.03
N ASP A 144 -4.05 14.86 -10.92
CA ASP A 144 -3.34 15.86 -10.09
C ASP A 144 -2.22 15.17 -9.31
N LEU A 145 -2.53 14.05 -8.66
CA LEU A 145 -1.53 13.29 -7.88
C LEU A 145 -0.50 12.70 -8.84
N ALA A 146 -0.88 12.44 -10.08
CA ALA A 146 0.16 12.01 -11.02
C ALA A 146 1.16 13.15 -11.27
N LEU A 147 0.68 14.39 -11.39
CA LEU A 147 1.61 15.49 -11.50
C LEU A 147 2.46 15.63 -10.23
N ASP A 148 1.78 15.68 -9.08
CA ASP A 148 2.48 15.96 -7.83
C ASP A 148 3.50 14.87 -7.51
N LEU A 149 3.18 13.62 -7.84
CA LEU A 149 4.08 12.51 -7.58
C LEU A 149 4.87 12.08 -8.81
N ASP A 150 4.79 12.84 -9.91
CA ASP A 150 5.57 12.55 -11.11
C ASP A 150 5.24 11.16 -11.68
N LEU A 151 3.97 10.88 -11.84
CA LEU A 151 3.52 9.59 -12.36
C LEU A 151 3.26 9.64 -13.87
N ASN A 152 3.54 8.54 -14.55
CA ASN A 152 3.19 8.36 -15.96
C ASN A 152 1.77 7.81 -16.01
N SER A 153 0.82 8.76 -15.98
CA SER A 153 -0.61 8.47 -15.94
C SER A 153 -0.94 7.40 -16.96
N GLY A 154 -1.72 6.41 -16.54
CA GLY A 154 -2.15 5.32 -17.39
C GLY A 154 -1.30 4.07 -17.32
N SER A 155 -0.22 4.06 -16.56
CA SER A 155 0.71 2.95 -16.55
C SER A 155 0.43 2.02 -15.37
N ASN A 156 0.98 0.81 -15.46
CA ASN A 156 0.85 -0.15 -14.37
C ASN A 156 1.39 0.42 -13.06
N ALA A 157 2.63 0.93 -13.08
CA ALA A 157 3.20 1.47 -11.85
C ALA A 157 2.39 2.67 -11.33
N ALA A 158 1.96 3.55 -12.22
CA ALA A 158 1.16 4.69 -11.76
C ALA A 158 -0.10 4.21 -11.05
N GLU A 159 -0.78 3.20 -11.61
CA GLU A 159 -1.98 2.71 -10.93
C GLU A 159 -1.67 2.06 -9.59
N GLN A 160 -0.48 1.47 -9.44
CA GLN A 160 -0.12 0.95 -8.13
C GLN A 160 0.08 2.07 -7.10
N ILE A 161 0.74 3.18 -7.48
CA ILE A 161 0.83 4.32 -6.55
C ILE A 161 -0.55 4.87 -6.27
N LEU A 162 -1.34 5.06 -7.30
CA LEU A 162 -2.69 5.52 -7.05
C LEU A 162 -3.46 4.54 -6.17
N GLY A 163 -3.14 3.26 -6.22
CA GLY A 163 -3.83 2.31 -5.35
C GLY A 163 -3.60 2.60 -3.89
N HIS A 164 -2.42 3.12 -3.54
CA HIS A 164 -2.15 3.45 -2.14
C HIS A 164 -2.94 4.68 -1.70
N ALA A 165 -3.04 5.70 -2.54
CA ALA A 165 -3.88 6.86 -2.18
C ALA A 165 -5.35 6.44 -2.06
N ARG A 166 -5.83 5.64 -3.02
CA ARG A 166 -7.19 5.16 -2.93
C ARG A 166 -7.42 4.42 -1.62
N TYR A 167 -6.42 3.64 -1.19
CA TYR A 167 -6.57 2.91 0.05
C TYR A 167 -6.83 3.87 1.20
N ALA A 168 -6.13 5.01 1.20
CA ALA A 168 -6.26 5.99 2.29
C ALA A 168 -7.59 6.71 2.24
N LEU A 169 -8.09 7.01 1.05
CA LEU A 169 -9.45 7.53 0.98
C LEU A 169 -10.42 6.53 1.56
N LEU A 170 -10.21 5.26 1.22
CA LEU A 170 -11.14 4.22 1.66
C LEU A 170 -11.00 3.96 3.16
N LEU A 171 -9.76 3.90 3.66
CA LEU A 171 -9.56 3.72 5.08
C LEU A 171 -10.14 4.87 5.88
N GLN A 172 -9.78 6.12 5.53
CA GLN A 172 -10.28 7.27 6.27
C GLN A 172 -11.80 7.43 6.14
N THR A 173 -12.36 7.00 4.99
CA THR A 173 -13.80 7.07 4.87
C THR A 173 -14.48 6.30 6.00
N ARG A 174 -14.00 5.06 6.28
CA ARG A 174 -14.60 4.26 7.34
C ARG A 174 -14.29 4.83 8.73
N LEU A 175 -13.04 5.24 8.98
CA LEU A 175 -12.66 5.73 10.30
C LEU A 175 -13.45 6.98 10.70
N ALA A 176 -13.58 7.96 9.79
CA ALA A 176 -14.34 9.17 10.06
C ALA A 176 -15.82 9.03 9.77
N GLY A 177 -16.29 7.88 9.29
CA GLY A 177 -17.72 7.66 9.08
C GLY A 177 -18.30 8.49 7.97
N LEU A 178 -17.53 8.75 6.94
CA LEU A 178 -18.02 9.59 5.86
C LEU A 178 -18.90 8.77 4.90
N ALA A 179 -19.70 9.49 4.10
CA ALA A 179 -20.42 8.87 3.01
C ALA A 179 -19.44 8.25 2.00
N PRO A 180 -19.95 7.40 1.10
CA PRO A 180 -19.06 6.63 0.21
C PRO A 180 -18.29 7.55 -0.70
N PRO A 181 -16.99 7.32 -0.84
CA PRO A 181 -16.15 8.21 -1.64
C PRO A 181 -16.29 7.92 -3.14
N LEU A 182 -15.80 8.87 -3.93
CA LEU A 182 -15.88 8.73 -5.40
C LEU A 182 -14.47 8.66 -5.97
N ASP A 183 -14.21 7.65 -6.79
CA ASP A 183 -12.90 7.52 -7.45
C ASP A 183 -12.72 8.62 -8.50
N GLY A 184 -11.49 8.84 -8.94
CA GLY A 184 -11.15 9.91 -9.90
C GLY A 184 -11.74 9.75 -11.28
N VAL A 185 -11.39 10.65 -12.18
CA VAL A 185 -11.96 10.68 -13.56
C VAL A 185 -11.24 9.73 -14.50
N TYR A 186 -11.99 9.08 -15.38
CA TYR A 186 -11.44 8.23 -16.48
C TYR A 186 -11.48 9.18 -17.68
N PRO A 187 -10.34 9.66 -18.18
CA PRO A 187 -10.36 10.74 -19.18
C PRO A 187 -10.60 10.29 -20.62
N ALA A 188 -10.58 9.00 -20.93
CA ALA A 188 -10.81 8.53 -22.29
C ALA A 188 -12.30 8.53 -22.53
N ILE A 189 -12.87 9.69 -22.87
CA ILE A 189 -14.34 9.90 -22.97
C ILE A 189 -15.11 8.77 -23.68
N GLN A 190 -14.68 8.32 -24.85
CA GLN A 190 -15.47 7.36 -25.67
C GLN A 190 -15.08 5.89 -25.43
N ASN A 191 -14.06 5.62 -24.61
CA ASN A 191 -13.65 4.24 -24.34
C ASN A 191 -14.53 3.68 -23.23
N ARG A 192 -15.74 3.23 -23.62
CA ARG A 192 -16.65 2.68 -22.62
C ARG A 192 -16.14 1.36 -22.01
N ALA A 193 -15.36 0.58 -22.78
CA ALA A 193 -14.83 -0.68 -22.25
C ALA A 193 -13.77 -0.44 -21.18
N GLY A 194 -12.91 0.58 -21.38
CA GLY A 194 -12.02 0.99 -20.32
C GLY A 194 -12.76 1.67 -19.19
N LEU A 195 -13.73 2.53 -19.51
CA LEU A 195 -14.53 3.15 -18.45
C LEU A 195 -15.21 2.08 -17.59
N VAL A 196 -15.81 1.07 -18.23
CA VAL A 196 -16.50 0.04 -17.46
C VAL A 196 -15.53 -0.65 -16.49
N GLU A 197 -14.30 -0.91 -16.95
CA GLU A 197 -13.33 -1.59 -16.09
C GLU A 197 -12.92 -0.71 -14.91
N ALA A 198 -12.67 0.57 -15.15
CA ALA A 198 -12.32 1.44 -14.03
C ALA A 198 -13.47 1.56 -13.05
N VAL A 199 -14.72 1.51 -13.52
CA VAL A 199 -15.85 1.61 -12.60
C VAL A 199 -15.96 0.34 -11.77
N ARG A 200 -15.82 -0.82 -12.41
CA ARG A 200 -15.98 -2.05 -11.64
C ARG A 200 -14.81 -2.24 -10.69
N PHE A 201 -13.62 -1.79 -11.08
CA PHE A 201 -12.52 -1.84 -10.14
C PHE A 201 -12.80 -0.97 -8.92
N ALA A 202 -13.39 0.23 -9.15
CA ALA A 202 -13.64 1.13 -8.04
C ALA A 202 -14.69 0.56 -7.10
N ARG A 203 -15.81 0.06 -7.65
CA ARG A 203 -16.84 -0.47 -6.77
C ARG A 203 -16.31 -1.65 -5.98
N ASP A 204 -15.59 -2.57 -6.67
CA ASP A 204 -15.09 -3.76 -5.99
C ASP A 204 -14.22 -3.38 -4.80
N MET A 205 -13.66 -2.18 -4.83
CA MET A 205 -12.75 -1.65 -3.83
C MET A 205 -13.45 -0.91 -2.72
N GLY A 206 -14.74 -0.68 -2.85
CA GLY A 206 -15.53 0.01 -1.85
C GLY A 206 -15.95 1.42 -2.20
N PHE A 207 -15.59 1.93 -3.38
CA PHE A 207 -16.05 3.24 -3.83
C PHE A 207 -17.53 3.17 -4.16
N GLY A 208 -18.20 4.32 -4.12
CA GLY A 208 -19.61 4.40 -4.48
C GLY A 208 -19.86 4.85 -5.90
N GLY A 209 -18.92 5.58 -6.48
CA GLY A 209 -19.11 6.08 -7.82
C GLY A 209 -17.84 6.70 -8.35
N LEU A 210 -17.98 7.45 -9.42
CA LEU A 210 -16.83 7.97 -10.14
C LEU A 210 -17.05 9.43 -10.40
N LEU A 211 -15.94 10.17 -10.37
CA LEU A 211 -16.00 11.57 -10.85
C LEU A 211 -16.02 11.44 -12.38
N CYS A 212 -17.06 11.94 -13.05
CA CYS A 212 -17.21 11.84 -14.52
C CYS A 212 -16.86 13.19 -15.12
N ILE A 213 -16.60 13.25 -16.42
CA ILE A 213 -16.25 14.49 -17.14
C ILE A 213 -17.16 14.63 -18.36
N HIS A 214 -17.88 13.59 -18.77
CA HIS A 214 -18.77 13.64 -19.94
C HIS A 214 -20.09 12.99 -19.56
N PRO A 215 -21.24 13.47 -20.07
CA PRO A 215 -22.53 12.81 -19.84
C PRO A 215 -22.63 11.42 -20.48
N SER A 216 -21.81 11.13 -21.48
CA SER A 216 -21.79 9.81 -22.17
C SER A 216 -21.28 8.79 -21.18
N GLN A 217 -20.59 9.28 -20.16
CA GLN A 217 -20.00 8.40 -19.15
C GLN A 217 -21.03 8.03 -18.08
N VAL A 218 -22.18 8.70 -18.06
CA VAL A 218 -23.08 8.48 -16.92
C VAL A 218 -23.71 7.08 -16.97
N GLU A 219 -24.30 6.69 -18.13
CA GLU A 219 -24.96 5.38 -18.21
C GLU A 219 -23.99 4.21 -18.08
N PRO A 220 -22.85 4.18 -18.77
CA PRO A 220 -21.82 3.19 -18.45
C PRO A 220 -21.51 3.08 -16.96
N ILE A 221 -21.41 4.21 -16.24
CA ILE A 221 -21.08 4.14 -14.82
C ILE A 221 -22.24 3.53 -14.02
N HIS A 222 -23.47 3.98 -14.30
CA HIS A 222 -24.58 3.53 -13.49
C HIS A 222 -24.94 2.09 -13.81
N GLN A 223 -24.67 1.67 -15.03
CA GLN A 223 -24.98 0.31 -15.42
C GLN A 223 -23.96 -0.65 -14.83
N THR A 224 -22.69 -0.24 -14.80
CA THR A 224 -21.64 -1.08 -14.23
C THR A 224 -21.72 -1.15 -12.71
N LEU A 225 -22.40 -0.17 -12.07
CA LEU A 225 -22.51 -0.10 -10.62
C LEU A 225 -23.61 -1.00 -10.05
N MET A 226 -24.65 -1.30 -10.82
CA MET A 226 -25.71 -2.19 -10.34
C MET A 226 -25.21 -3.64 -10.19
N PRO A 227 -25.64 -4.33 -9.13
CA PRO A 227 -25.24 -5.74 -8.98
C PRO A 227 -25.71 -6.57 -10.16
N SER A 228 -24.88 -7.53 -10.57
CA SER A 228 -25.24 -8.43 -11.64
C SER A 228 -26.35 -9.38 -11.21
N PRO A 229 -27.14 -9.90 -12.16
CA PRO A 229 -28.07 -10.98 -11.80
C PRO A 229 -27.39 -12.09 -10.99
N ALA A 230 -26.14 -12.42 -11.30
CA ALA A 230 -25.44 -13.45 -10.54
C ALA A 230 -25.24 -13.01 -9.08
N GLU A 231 -24.69 -11.81 -8.88
CA GLU A 231 -24.41 -11.37 -7.53
C GLU A 231 -25.69 -11.35 -6.69
N LEU A 232 -26.79 -10.90 -7.29
CA LEU A 232 -28.06 -10.89 -6.57
C LEU A 232 -28.58 -12.30 -6.36
N GLU A 233 -28.41 -13.19 -7.33
CA GLU A 233 -28.82 -14.56 -7.10
C GLU A 233 -27.93 -15.21 -6.03
N TRP A 234 -26.64 -14.90 -6.01
CA TRP A 234 -25.79 -15.41 -4.94
C TRP A 234 -26.28 -14.90 -3.58
N ALA A 235 -26.42 -13.58 -3.46
CA ALA A 235 -26.84 -13.00 -2.19
C ALA A 235 -28.15 -13.63 -1.71
N ARG A 236 -29.07 -13.88 -2.64
CA ARG A 236 -30.32 -14.54 -2.27
C ARG A 236 -30.06 -15.92 -1.71
N ARG A 237 -29.22 -16.70 -2.39
CA ARG A 237 -29.03 -18.05 -1.91
C ARG A 237 -28.25 -18.04 -0.60
N VAL A 238 -27.38 -17.04 -0.41
CA VAL A 238 -26.70 -16.92 0.87
C VAL A 238 -27.67 -16.49 1.97
N ALA A 239 -28.60 -15.58 1.66
CA ALA A 239 -29.54 -15.14 2.68
C ALA A 239 -30.55 -16.24 3.03
N GLU A 240 -30.93 -17.04 2.03
CA GLU A 240 -31.90 -18.08 2.26
C GLU A 240 -31.37 -19.13 3.22
N ALA A 241 -30.09 -19.50 3.08
CA ALA A 241 -29.52 -20.54 3.91
C ALA A 241 -29.19 -20.07 5.33
N GLY A 242 -29.14 -18.76 5.54
CA GLY A 242 -28.89 -18.20 6.85
C GLY A 242 -30.17 -17.81 7.55
N ALA A 243 -31.33 -18.20 7.00
CA ALA A 243 -32.62 -18.04 7.67
C ALA A 243 -32.80 -19.11 8.73
N SER A 244 -32.48 -20.36 8.38
CA SER A 244 -32.46 -21.45 9.35
C SER A 244 -31.87 -20.94 10.65
N GLY A 245 -30.69 -20.31 10.57
CA GLY A 245 -30.10 -19.62 11.70
C GLY A 245 -28.75 -20.21 11.99
N ALA A 246 -28.29 -21.09 11.09
CA ALA A 246 -27.01 -21.76 11.27
C ALA A 246 -25.90 -20.73 11.42
N GLY A 247 -24.90 -21.09 12.23
CA GLY A 247 -23.78 -20.19 12.42
C GLY A 247 -22.92 -20.10 11.18
N VAL A 248 -22.59 -21.26 10.60
CA VAL A 248 -21.71 -21.36 9.46
C VAL A 248 -22.25 -22.44 8.52
N PHE A 249 -22.12 -22.22 7.22
CA PHE A 249 -22.57 -23.19 6.23
C PHE A 249 -21.74 -22.99 4.97
N VAL A 250 -22.12 -23.71 3.93
CA VAL A 250 -21.46 -23.64 2.63
C VAL A 250 -22.50 -23.31 1.58
N VAL A 251 -22.18 -22.39 0.68
CA VAL A 251 -23.10 -21.99 -0.37
C VAL A 251 -22.56 -22.37 -1.76
N ASP A 252 -21.43 -21.81 -2.17
CA ASP A 252 -20.92 -22.23 -3.47
C ASP A 252 -19.62 -22.98 -3.29
N GLY A 253 -19.67 -24.08 -2.53
CA GLY A 253 -18.45 -24.71 -2.12
C GLY A 253 -17.62 -23.85 -1.21
N GLU A 254 -18.15 -22.70 -0.82
CA GLU A 254 -17.43 -21.71 -0.03
C GLU A 254 -18.06 -21.62 1.34
N MET A 255 -17.20 -21.54 2.36
CA MET A 255 -17.66 -21.34 3.72
C MET A 255 -18.39 -20.02 3.83
N VAL A 256 -19.50 -20.02 4.55
CA VAL A 256 -20.24 -18.80 4.82
C VAL A 256 -20.39 -18.67 6.32
N ASP A 257 -19.77 -17.63 6.90
CA ASP A 257 -19.90 -17.29 8.31
C ASP A 257 -20.68 -15.98 8.43
N ALA A 258 -20.73 -15.44 9.66
CA ALA A 258 -21.48 -14.21 9.90
C ALA A 258 -21.10 -13.07 8.96
N PRO A 259 -19.82 -12.75 8.74
CA PRO A 259 -19.47 -11.60 7.89
C PRO A 259 -19.90 -11.74 6.45
N VAL A 260 -19.88 -12.97 5.91
CA VAL A 260 -20.30 -13.22 4.54
C VAL A 260 -21.80 -13.04 4.42
N LEU A 261 -22.55 -13.61 5.37
CA LEU A 261 -23.99 -13.40 5.44
C LEU A 261 -24.29 -11.91 5.51
N GLY A 262 -23.48 -11.15 6.25
CA GLY A 262 -23.69 -9.72 6.31
C GLY A 262 -23.45 -9.04 4.98
N ARG A 263 -22.52 -9.56 4.17
CA ARG A 263 -22.29 -8.99 2.85
C ARG A 263 -23.46 -9.26 1.92
N ALA A 264 -24.05 -10.45 2.00
CA ALA A 264 -25.17 -10.79 1.13
C ALA A 264 -26.40 -9.97 1.45
N ARG A 265 -26.63 -9.71 2.74
CA ARG A 265 -27.79 -8.94 3.16
C ARG A 265 -27.64 -7.47 2.81
N ARG A 266 -26.43 -6.92 2.92
CA ARG A 266 -26.23 -5.52 2.56
C ARG A 266 -26.37 -5.33 1.07
N LEU A 267 -25.95 -6.31 0.27
CA LEU A 267 -26.17 -6.27 -1.18
C LEU A 267 -27.66 -6.35 -1.51
N LEU A 268 -28.37 -7.28 -0.87
CA LEU A 268 -29.79 -7.47 -1.17
C LEU A 268 -30.60 -6.22 -0.86
N GLU A 269 -30.17 -5.43 0.12
CA GLU A 269 -30.92 -4.27 0.58
C GLU A 269 -30.50 -2.98 -0.08
N ARG A 270 -29.20 -2.74 -0.18
CA ARG A 270 -28.72 -1.52 -0.82
C ARG A 270 -29.21 -1.40 -2.25
N ALA A 271 -29.42 -2.53 -2.93
CA ALA A 271 -29.84 -2.52 -4.33
C ALA A 271 -30.96 -3.54 -4.47
N GLY A 272 -32.18 -3.10 -4.16
CA GLY A 272 -33.40 -3.87 -4.29
C GLY A 272 -34.16 -3.88 -2.97
N GLU A 273 -35.04 -4.87 -2.84
CA GLU A 273 -35.87 -5.05 -1.65
C GLU A 273 -35.07 -5.73 -0.54
N GLY A 274 -35.08 -5.13 0.65
CA GLY A 274 -34.46 -5.72 1.81
C GLY A 274 -35.40 -6.60 2.60
N GLY A 275 -34.82 -7.33 3.56
CA GLY A 275 -35.55 -8.29 4.35
C GLY A 275 -35.41 -9.71 3.83
N MET B 1 6.48 -15.01 24.16
CA MET B 1 5.71 -16.20 23.82
C MET B 1 6.51 -17.18 22.97
N ASN B 2 5.79 -18.02 22.23
CA ASN B 2 6.40 -18.92 21.27
C ASN B 2 6.76 -18.13 20.02
N ARG B 3 8.05 -18.07 19.66
CA ARG B 3 8.47 -17.42 18.43
C ARG B 3 8.60 -18.42 17.27
N GLN B 4 7.83 -19.50 17.32
CA GLN B 4 7.84 -20.53 16.30
C GLN B 4 6.73 -20.30 15.29
N ILE B 5 6.81 -21.04 14.19
CA ILE B 5 5.88 -20.91 13.08
C ILE B 5 4.67 -21.77 13.37
N VAL B 6 3.49 -21.21 13.16
CA VAL B 6 2.24 -21.97 13.08
C VAL B 6 1.89 -22.06 11.60
N ARG B 7 1.95 -23.27 11.04
CA ARG B 7 1.65 -23.44 9.62
C ARG B 7 0.17 -23.38 9.37
N SER B 8 -0.62 -23.80 10.35
CA SER B 8 -2.05 -23.93 10.15
C SER B 8 -2.72 -23.83 11.51
N ALA B 9 -3.85 -23.12 11.54
CA ALA B 9 -4.70 -22.97 12.72
C ALA B 9 -6.12 -23.26 12.27
N LEU B 10 -6.65 -24.41 12.70
CA LEU B 10 -7.90 -24.94 12.17
C LEU B 10 -9.08 -24.53 13.06
N PHE B 11 -9.97 -23.69 12.53
CA PHE B 11 -11.17 -23.31 13.26
C PHE B 11 -12.12 -24.50 13.40
N VAL B 12 -12.74 -24.61 14.58
CA VAL B 12 -13.84 -25.55 14.82
C VAL B 12 -14.76 -24.94 15.86
N PRO B 13 -16.06 -24.83 15.58
CA PRO B 13 -16.96 -24.14 16.53
C PRO B 13 -17.32 -25.01 17.72
N ALA B 14 -17.52 -24.32 18.86
CA ALA B 14 -17.82 -24.97 20.14
C ALA B 14 -19.22 -25.56 20.21
N THR B 15 -20.00 -25.41 19.14
CA THR B 15 -21.28 -26.08 18.97
C THR B 15 -21.13 -27.51 18.51
N ARG B 16 -19.97 -27.88 17.94
CA ARG B 16 -19.76 -29.22 17.41
C ARG B 16 -18.60 -29.88 18.14
N PRO B 17 -18.73 -30.09 19.46
CA PRO B 17 -17.59 -30.62 20.21
C PRO B 17 -17.11 -31.95 19.69
N GLU B 18 -17.97 -32.73 19.04
CA GLU B 18 -17.52 -33.99 18.46
C GLU B 18 -16.51 -33.78 17.34
N ARG B 19 -16.38 -32.55 16.80
CA ARG B 19 -15.41 -32.26 15.75
C ARG B 19 -14.08 -31.76 16.31
N ILE B 20 -14.04 -31.30 17.55
CA ILE B 20 -12.76 -30.87 18.12
C ILE B 20 -11.73 -31.98 18.06
N PRO B 21 -12.02 -33.20 18.47
CA PRO B 21 -11.02 -34.27 18.33
C PRO B 21 -10.57 -34.45 16.89
N LYS B 22 -11.52 -34.36 15.95
CA LYS B 22 -11.14 -34.47 14.54
C LYS B 22 -10.18 -33.36 14.15
N ALA B 23 -10.41 -32.15 14.65
CA ALA B 23 -9.49 -31.06 14.36
C ALA B 23 -8.09 -31.41 14.83
N LEU B 24 -7.98 -31.95 16.04
CA LEU B 24 -6.66 -32.26 16.57
C LEU B 24 -5.99 -33.36 15.74
N ALA B 25 -6.72 -34.41 15.37
CA ALA B 25 -6.15 -35.45 14.53
C ALA B 25 -5.88 -34.97 13.12
N SER B 26 -6.36 -33.78 12.77
CA SER B 26 -6.07 -33.21 11.46
C SER B 26 -4.57 -33.07 11.23
N GLY B 27 -3.79 -32.87 12.29
CA GLY B 27 -2.41 -32.48 12.15
C GLY B 27 -2.16 -30.98 12.07
N ALA B 28 -3.19 -30.16 12.13
CA ALA B 28 -2.98 -28.73 12.16
C ALA B 28 -2.02 -28.38 13.29
N ASP B 29 -1.12 -27.42 13.03
CA ASP B 29 -0.18 -27.02 14.07
C ASP B 29 -0.91 -26.46 15.28
N ARG B 30 -2.02 -25.78 15.05
CA ARG B 30 -2.89 -25.31 16.11
C ARG B 30 -4.34 -25.59 15.75
N VAL B 31 -5.17 -25.79 16.78
CA VAL B 31 -6.62 -25.87 16.61
C VAL B 31 -7.23 -24.70 17.36
N ILE B 32 -8.18 -24.01 16.72
CA ILE B 32 -8.93 -22.90 17.31
C ILE B 32 -10.36 -23.36 17.58
N VAL B 33 -10.76 -23.41 18.85
CA VAL B 33 -12.16 -23.62 19.21
C VAL B 33 -12.82 -22.26 19.31
N ASP B 34 -13.93 -22.10 18.61
CA ASP B 34 -14.57 -20.82 18.39
C ASP B 34 -15.77 -20.61 19.31
N LEU B 35 -15.86 -19.41 19.91
CA LEU B 35 -17.02 -19.01 20.69
C LEU B 35 -17.67 -17.73 20.16
N GLU B 36 -17.20 -17.22 19.02
CA GLU B 36 -17.61 -15.92 18.51
C GLU B 36 -18.48 -16.12 17.26
N ASP B 37 -17.97 -15.70 16.09
CA ASP B 37 -18.77 -15.52 14.89
C ASP B 37 -19.23 -16.82 14.22
N ALA B 38 -18.95 -18.02 14.75
CA ALA B 38 -19.55 -19.22 14.19
C ALA B 38 -20.56 -19.85 15.14
N VAL B 39 -20.64 -19.36 16.37
CA VAL B 39 -21.59 -19.82 17.37
C VAL B 39 -22.67 -18.76 17.48
N GLU B 40 -23.91 -19.15 17.18
CA GLU B 40 -25.03 -18.20 17.26
C GLU B 40 -25.28 -17.81 18.70
N GLU B 41 -25.71 -16.56 18.89
CA GLU B 41 -25.96 -16.01 20.22
C GLU B 41 -26.65 -17.01 21.14
N GLY B 42 -27.74 -17.60 20.66
CA GLY B 42 -28.54 -18.48 21.50
C GLY B 42 -27.81 -19.72 21.97
N LEU B 43 -26.71 -20.07 21.31
CA LEU B 43 -25.93 -21.25 21.63
C LEU B 43 -24.61 -20.95 22.32
N LYS B 44 -24.29 -19.68 22.58
CA LYS B 44 -22.95 -19.38 23.07
C LYS B 44 -22.72 -19.93 24.47
N VAL B 45 -23.71 -19.83 25.35
CA VAL B 45 -23.50 -20.32 26.72
C VAL B 45 -23.34 -21.85 26.72
N GLU B 46 -24.21 -22.55 26.00
CA GLU B 46 -24.09 -24.00 25.95
C GLU B 46 -22.78 -24.41 25.26
N ALA B 47 -22.41 -23.70 24.20
CA ALA B 47 -21.13 -23.96 23.53
C ALA B 47 -19.95 -23.71 24.47
N ARG B 48 -20.05 -22.69 25.31
CA ARG B 48 -19.00 -22.49 26.29
C ARG B 48 -18.89 -23.70 27.19
N ALA B 49 -20.02 -24.28 27.54
CA ALA B 49 -20.04 -25.45 28.40
C ALA B 49 -19.54 -26.69 27.64
N ASN B 50 -19.79 -26.74 26.33
CA ASN B 50 -19.23 -27.82 25.52
C ASN B 50 -17.71 -27.78 25.51
N LEU B 51 -17.15 -26.56 25.48
CA LEU B 51 -15.69 -26.45 25.42
C LEU B 51 -15.08 -26.84 26.76
N ARG B 52 -15.68 -26.34 27.84
CA ARG B 52 -15.24 -26.70 29.18
C ARG B 52 -15.28 -28.21 29.36
N ARG B 53 -16.36 -28.86 28.91
CA ARG B 53 -16.44 -30.32 29.03
C ARG B 53 -15.35 -31.01 28.22
N PHE B 54 -15.05 -30.50 27.02
CA PHE B 54 -13.99 -31.13 26.24
C PHE B 54 -12.64 -30.98 26.94
N LEU B 55 -12.34 -29.79 27.46
CA LEU B 55 -11.03 -29.55 28.08
C LEU B 55 -10.84 -30.42 29.30
N VAL B 56 -11.88 -30.53 30.14
CA VAL B 56 -11.79 -31.38 31.32
C VAL B 56 -11.60 -32.84 30.93
N ASP B 57 -12.36 -33.30 29.92
CA ASP B 57 -12.34 -34.70 29.53
C ASP B 57 -11.08 -35.08 28.76
N THR B 58 -10.30 -34.09 28.33
CA THR B 58 -9.15 -34.27 27.44
C THR B 58 -7.97 -33.46 27.97
N PRO B 59 -7.43 -33.85 29.13
CA PRO B 59 -6.39 -33.03 29.77
C PRO B 59 -5.18 -32.80 28.91
N GLU B 60 -4.88 -33.71 28.00
CA GLU B 60 -3.72 -33.58 27.14
C GLU B 60 -3.95 -32.65 25.95
N ALA B 61 -5.21 -32.28 25.65
CA ALA B 61 -5.49 -31.44 24.50
C ALA B 61 -5.03 -30.00 24.73
N ARG B 62 -4.44 -29.40 23.69
CA ARG B 62 -3.94 -28.04 23.73
C ARG B 62 -4.57 -27.26 22.57
N VAL B 63 -5.37 -26.25 22.90
CA VAL B 63 -6.17 -25.55 21.90
C VAL B 63 -6.08 -24.05 22.09
N LEU B 64 -6.46 -23.34 21.05
CA LEU B 64 -6.64 -21.91 21.11
C LEU B 64 -8.15 -21.69 21.12
N VAL B 65 -8.61 -20.61 21.75
CA VAL B 65 -10.03 -20.32 21.81
C VAL B 65 -10.25 -18.95 21.19
N ARG B 66 -11.20 -18.86 20.26
CA ARG B 66 -11.64 -17.53 19.81
C ARG B 66 -12.80 -17.05 20.64
N ILE B 67 -12.54 -16.07 21.51
CA ILE B 67 -13.51 -15.51 22.45
C ILE B 67 -14.36 -14.43 21.79
N ASN B 68 -15.38 -13.95 22.50
CA ASN B 68 -16.18 -12.81 22.06
C ASN B 68 -15.49 -11.52 22.49
N ALA B 69 -15.66 -10.46 21.70
CA ALA B 69 -14.94 -9.24 22.02
C ALA B 69 -15.53 -8.56 23.27
N ALA B 70 -14.86 -7.51 23.75
CA ALA B 70 -15.21 -6.98 25.07
C ALA B 70 -16.61 -6.40 25.09
N GLU B 71 -17.13 -5.99 23.93
CA GLU B 71 -18.52 -5.55 23.85
C GLU B 71 -19.50 -6.70 24.10
N HIS B 72 -19.03 -7.93 24.03
CA HIS B 72 -20.05 -8.96 24.19
C HIS B 72 -20.26 -9.32 25.68
N PRO B 73 -21.51 -9.64 26.07
CA PRO B 73 -21.77 -9.93 27.50
C PRO B 73 -21.03 -11.14 28.04
N GLY B 74 -20.66 -12.10 27.20
CA GLY B 74 -19.92 -13.27 27.62
C GLY B 74 -18.43 -13.08 27.68
N HIS B 75 -17.95 -11.88 27.35
CA HIS B 75 -16.51 -11.62 27.33
C HIS B 75 -15.78 -12.15 28.56
N ALA B 76 -16.27 -11.78 29.75
CA ALA B 76 -15.59 -12.20 30.98
C ALA B 76 -15.67 -13.71 31.20
N ASP B 77 -16.81 -14.34 30.89
CA ASP B 77 -16.91 -15.79 31.02
C ASP B 77 -15.96 -16.51 30.05
N ASP B 78 -15.77 -15.97 28.85
CA ASP B 78 -14.84 -16.55 27.89
C ASP B 78 -13.40 -16.48 28.41
N LEU B 79 -12.99 -15.31 28.89
CA LEU B 79 -11.66 -15.16 29.47
C LEU B 79 -11.49 -16.10 30.66
N ALA B 80 -12.56 -16.31 31.43
CA ALA B 80 -12.44 -17.19 32.59
C ALA B 80 -12.20 -18.64 32.15
N LEU B 81 -12.79 -19.06 31.03
CA LEU B 81 -12.54 -20.41 30.52
C LEU B 81 -11.10 -20.56 30.05
N CYS B 82 -10.55 -19.50 29.44
CA CYS B 82 -9.17 -19.52 28.97
C CYS B 82 -8.20 -19.56 30.14
N ARG B 83 -8.56 -18.89 31.24
CA ARG B 83 -7.66 -18.79 32.37
C ARG B 83 -7.64 -20.06 33.21
N ASP B 84 -8.77 -20.80 33.24
CA ASP B 84 -8.96 -21.87 34.20
C ASP B 84 -8.62 -23.26 33.68
N HIS B 85 -8.34 -23.45 32.38
CA HIS B 85 -7.95 -24.76 31.84
C HIS B 85 -6.59 -24.65 31.16
N ALA B 86 -5.69 -25.54 31.53
CA ALA B 86 -4.33 -25.57 30.99
C ALA B 86 -4.32 -25.91 29.52
N GLY B 87 -5.39 -26.56 29.03
CA GLY B 87 -5.48 -26.89 27.62
C GLY B 87 -5.62 -25.69 26.73
N VAL B 88 -6.04 -24.56 27.27
CA VAL B 88 -6.15 -23.31 26.51
C VAL B 88 -4.77 -22.66 26.48
N ILE B 89 -4.09 -22.68 25.33
CA ILE B 89 -2.73 -22.16 25.29
C ILE B 89 -2.66 -20.75 24.70
N GLY B 90 -3.79 -20.13 24.44
CA GLY B 90 -3.83 -18.79 23.90
C GLY B 90 -5.23 -18.51 23.43
N LEU B 91 -5.48 -17.25 23.10
CA LEU B 91 -6.81 -16.85 22.63
C LEU B 91 -6.70 -15.95 21.41
N LEU B 92 -7.64 -16.11 20.48
CA LEU B 92 -7.83 -15.16 19.38
C LEU B 92 -8.77 -14.07 19.86
N LEU B 93 -8.34 -12.78 19.79
CA LEU B 93 -9.16 -11.64 20.16
C LEU B 93 -9.73 -10.94 18.92
N PRO B 94 -11.00 -11.17 18.56
CA PRO B 94 -11.53 -10.61 17.31
C PRO B 94 -11.84 -9.13 17.44
N LYS B 95 -12.01 -8.48 16.30
CA LYS B 95 -12.48 -7.10 16.28
C LYS B 95 -11.56 -6.20 17.11
N VAL B 96 -10.27 -6.50 17.13
CA VAL B 96 -9.37 -5.76 17.98
C VAL B 96 -9.18 -4.35 17.42
N GLU B 97 -9.28 -3.35 18.30
CA GLU B 97 -9.18 -1.98 17.81
C GLU B 97 -8.31 -1.07 18.66
N SER B 98 -7.67 -1.59 19.69
CA SER B 98 -6.86 -0.79 20.60
C SER B 98 -5.91 -1.72 21.33
N ALA B 99 -4.77 -1.17 21.74
CA ALA B 99 -3.84 -1.92 22.57
C ALA B 99 -4.46 -2.30 23.92
N ALA B 100 -5.37 -1.45 24.44
CA ALA B 100 -5.99 -1.70 25.73
C ALA B 100 -6.87 -2.95 25.75
N GLN B 101 -7.53 -3.24 24.64
CA GLN B 101 -8.25 -4.50 24.53
C GLN B 101 -7.28 -5.67 24.57
N VAL B 102 -6.11 -5.52 23.95
CA VAL B 102 -5.15 -6.61 24.05
C VAL B 102 -4.74 -6.80 25.49
N ARG B 103 -4.44 -5.71 26.20
CA ARG B 103 -3.98 -5.82 27.58
C ARG B 103 -5.08 -6.39 28.48
N HIS B 104 -6.34 -6.03 28.23
CA HIS B 104 -7.40 -6.61 29.06
C HIS B 104 -7.54 -8.12 28.82
N ALA B 105 -7.49 -8.55 27.55
CA ALA B 105 -7.57 -9.98 27.24
C ALA B 105 -6.36 -10.74 27.77
N ALA B 106 -5.16 -10.14 27.69
CA ALA B 106 -3.94 -10.79 28.14
C ALA B 106 -3.91 -10.93 29.66
N VAL B 107 -4.18 -9.84 30.38
CA VAL B 107 -4.11 -9.83 31.84
C VAL B 107 -5.20 -10.71 32.44
N ALA B 108 -6.43 -10.64 31.90
CA ALA B 108 -7.55 -11.39 32.46
C ALA B 108 -7.45 -12.89 32.20
N SER B 109 -6.95 -13.28 31.03
CA SER B 109 -6.76 -14.70 30.73
C SER B 109 -5.44 -15.21 31.26
N GLY B 110 -4.44 -14.34 31.37
CA GLY B 110 -3.12 -14.81 31.70
C GLY B 110 -2.48 -15.64 30.62
N LYS B 111 -3.02 -15.63 29.41
CA LYS B 111 -2.54 -16.45 28.31
C LYS B 111 -2.17 -15.57 27.12
N PRO B 112 -1.35 -16.06 26.19
CA PRO B 112 -0.96 -15.23 25.06
C PRO B 112 -2.13 -14.91 24.15
N VAL B 113 -2.07 -13.72 23.53
CA VAL B 113 -3.14 -13.17 22.71
C VAL B 113 -2.72 -13.20 21.23
N TRP B 114 -3.61 -13.69 20.36
CA TRP B 114 -3.51 -13.51 18.92
C TRP B 114 -4.54 -12.48 18.52
N PRO B 115 -4.19 -11.22 18.36
CA PRO B 115 -5.17 -10.27 17.80
C PRO B 115 -5.52 -10.65 16.35
N ILE B 116 -6.81 -10.57 16.00
CA ILE B 116 -7.27 -10.69 14.61
C ILE B 116 -7.59 -9.30 14.08
N VAL B 117 -6.89 -8.87 13.04
CA VAL B 117 -7.15 -7.57 12.40
C VAL B 117 -8.35 -7.75 11.46
N GLU B 118 -9.51 -7.22 11.86
CA GLU B 118 -10.76 -7.45 11.15
C GLU B 118 -11.45 -6.15 10.72
N SER B 119 -10.82 -5.00 10.87
CA SER B 119 -11.55 -3.76 10.62
C SER B 119 -10.58 -2.63 10.34
N ALA B 120 -11.11 -1.58 9.69
CA ALA B 120 -10.35 -0.34 9.51
C ALA B 120 -9.80 0.19 10.84
N ARG B 121 -10.64 0.26 11.88
CA ARG B 121 -10.14 0.74 13.16
C ARG B 121 -8.95 -0.09 13.61
N GLY B 122 -9.04 -1.41 13.44
CA GLY B 122 -7.93 -2.25 13.81
C GLY B 122 -6.66 -1.86 13.08
N LEU B 123 -6.77 -1.70 11.76
CA LEU B 123 -5.57 -1.39 10.98
C LEU B 123 -4.95 -0.08 11.44
N ALA B 124 -5.77 0.92 11.72
CA ALA B 124 -5.23 2.22 12.05
C ALA B 124 -4.46 2.20 13.37
N ALA B 125 -4.88 1.35 14.31
CA ALA B 125 -4.26 1.25 15.62
C ALA B 125 -3.27 0.07 15.71
N LEU B 126 -2.83 -0.45 14.56
CA LEU B 126 -2.07 -1.71 14.54
C LEU B 126 -0.68 -1.55 15.15
N GLY B 127 -0.07 -0.37 15.05
CA GLY B 127 1.14 -0.12 15.82
C GLY B 127 0.97 -0.42 17.31
N GLU B 128 0.00 0.24 17.94
CA GLU B 128 -0.35 -0.03 19.34
C GLU B 128 -0.63 -1.52 19.56
N ILE B 129 -1.48 -2.11 18.70
CA ILE B 129 -1.99 -3.45 18.96
C ILE B 129 -0.85 -4.46 18.96
N ALA B 130 0.02 -4.38 17.96
CA ALA B 130 1.09 -5.37 17.87
C ALA B 130 2.11 -5.22 18.99
N ALA B 131 2.28 -4.00 19.50
CA ALA B 131 3.30 -3.75 20.53
C ALA B 131 2.75 -3.95 21.94
N ALA B 132 1.47 -4.22 22.10
CA ALA B 132 0.89 -4.35 23.41
C ALA B 132 1.48 -5.58 24.12
N ALA B 133 1.51 -5.54 25.44
CA ALA B 133 2.04 -6.67 26.20
C ALA B 133 1.06 -7.84 26.14
N GLY B 134 1.58 -9.03 25.84
CA GLY B 134 0.78 -10.24 25.72
C GLY B 134 0.64 -10.78 24.30
N VAL B 135 1.02 -10.02 23.29
CA VAL B 135 0.80 -10.45 21.92
C VAL B 135 1.85 -11.49 21.55
N GLU B 136 1.40 -12.59 20.98
CA GLU B 136 2.28 -13.61 20.45
C GLU B 136 2.46 -13.46 18.95
N ARG B 137 1.37 -13.24 18.24
CA ARG B 137 1.43 -13.10 16.80
C ARG B 137 0.15 -12.47 16.30
N LEU B 138 0.21 -11.95 15.08
CA LEU B 138 -0.97 -11.38 14.48
C LEU B 138 -1.57 -12.35 13.46
N SER B 139 -2.88 -12.26 13.30
CA SER B 139 -3.62 -12.98 12.29
C SER B 139 -4.58 -11.99 11.62
N PHE B 140 -5.15 -12.42 10.51
CA PHE B 140 -5.84 -11.52 9.61
C PHE B 140 -7.24 -12.05 9.36
N GLY B 141 -8.26 -11.25 9.67
CA GLY B 141 -9.63 -11.60 9.33
C GLY B 141 -10.06 -11.07 7.98
N SER B 142 -9.78 -11.80 6.90
CA SER B 142 -9.99 -11.24 5.57
C SER B 142 -11.46 -11.01 5.28
N LEU B 143 -12.36 -11.89 5.74
CA LEU B 143 -13.77 -11.73 5.41
C LEU B 143 -14.47 -10.67 6.28
N ASP B 144 -14.05 -10.49 7.54
CA ASP B 144 -14.57 -9.35 8.30
C ASP B 144 -14.14 -8.05 7.62
N LEU B 145 -12.90 -7.99 7.15
CA LEU B 145 -12.36 -6.76 6.57
C LEU B 145 -13.09 -6.39 5.30
N ALA B 146 -13.51 -7.38 4.52
CA ALA B 146 -14.33 -7.14 3.33
C ALA B 146 -15.67 -6.53 3.69
N LEU B 147 -16.28 -6.98 4.79
CA LEU B 147 -17.50 -6.34 5.25
C LEU B 147 -17.25 -4.91 5.67
N ASP B 148 -16.29 -4.70 6.58
CA ASP B 148 -16.04 -3.38 7.14
C ASP B 148 -15.67 -2.37 6.06
N LEU B 149 -14.92 -2.79 5.04
CA LEU B 149 -14.49 -1.88 3.98
C LEU B 149 -15.31 -2.03 2.71
N ASP B 150 -16.42 -2.79 2.74
CA ASP B 150 -17.34 -2.94 1.61
C ASP B 150 -16.61 -3.47 0.37
N LEU B 151 -15.85 -4.54 0.56
CA LEU B 151 -15.05 -5.13 -0.51
C LEU B 151 -15.80 -6.25 -1.20
N ASN B 152 -15.57 -6.38 -2.51
CA ASN B 152 -16.12 -7.50 -3.26
C ASN B 152 -15.12 -8.64 -3.12
N SER B 153 -15.28 -9.42 -2.03
CA SER B 153 -14.36 -10.51 -1.77
C SER B 153 -14.18 -11.33 -3.03
N GLY B 154 -12.93 -11.66 -3.32
CA GLY B 154 -12.60 -12.48 -4.45
C GLY B 154 -12.21 -11.73 -5.69
N SER B 155 -12.29 -10.39 -5.70
CA SER B 155 -12.03 -9.63 -6.91
C SER B 155 -10.60 -9.09 -6.89
N ASN B 156 -10.13 -8.70 -8.06
CA ASN B 156 -8.81 -8.08 -8.18
C ASN B 156 -8.65 -6.88 -7.24
N ALA B 157 -9.63 -5.97 -7.22
CA ALA B 157 -9.55 -4.77 -6.38
C ALA B 157 -9.52 -5.10 -4.88
N ALA B 158 -10.40 -5.99 -4.42
CA ALA B 158 -10.41 -6.32 -3.00
C ALA B 158 -9.08 -6.92 -2.59
N GLU B 159 -8.52 -7.79 -3.42
CA GLU B 159 -7.23 -8.37 -3.07
C GLU B 159 -6.15 -7.32 -2.99
N GLN B 160 -6.23 -6.26 -3.80
CA GLN B 160 -5.26 -5.18 -3.67
C GLN B 160 -5.39 -4.46 -2.33
N ILE B 161 -6.63 -4.21 -1.86
CA ILE B 161 -6.83 -3.60 -0.54
C ILE B 161 -6.33 -4.52 0.55
N LEU B 162 -6.77 -5.77 0.53
CA LEU B 162 -6.30 -6.72 1.52
C LEU B 162 -4.78 -6.81 1.52
N GLY B 163 -4.13 -6.54 0.39
CA GLY B 163 -2.67 -6.49 0.38
C GLY B 163 -2.15 -5.37 1.25
N HIS B 164 -2.86 -4.24 1.29
CA HIS B 164 -2.46 -3.14 2.16
C HIS B 164 -2.64 -3.53 3.61
N ALA B 165 -3.74 -4.21 3.93
CA ALA B 165 -3.89 -4.73 5.29
C ALA B 165 -2.78 -5.73 5.58
N ARG B 166 -2.56 -6.67 4.67
CA ARG B 166 -1.55 -7.68 4.90
C ARG B 166 -0.18 -7.06 5.13
N TYR B 167 0.13 -5.99 4.38
CA TYR B 167 1.43 -5.36 4.51
C TYR B 167 1.67 -4.88 5.93
N ALA B 168 0.64 -4.29 6.56
CA ALA B 168 0.73 -3.69 7.89
C ALA B 168 0.89 -4.75 8.99
N LEU B 169 0.19 -5.89 8.86
CA LEU B 169 0.45 -7.02 9.75
C LEU B 169 1.90 -7.47 9.64
N LEU B 170 2.42 -7.54 8.41
CA LEU B 170 3.78 -8.00 8.20
C LEU B 170 4.79 -6.96 8.69
N LEU B 171 4.57 -5.68 8.41
CA LEU B 171 5.44 -4.64 8.94
C LEU B 171 5.41 -4.62 10.46
N GLN B 172 4.21 -4.55 11.06
CA GLN B 172 4.12 -4.47 12.52
C GLN B 172 4.69 -5.72 13.19
N THR B 173 4.63 -6.88 12.53
CA THR B 173 5.26 -8.07 13.07
C THR B 173 6.75 -7.83 13.27
N ARG B 174 7.41 -7.28 12.24
CA ARG B 174 8.84 -7.05 12.34
C ARG B 174 9.16 -5.96 13.37
N LEU B 175 8.36 -4.88 13.37
CA LEU B 175 8.59 -3.79 14.32
C LEU B 175 8.37 -4.23 15.77
N ALA B 176 7.29 -4.95 16.05
CA ALA B 176 7.02 -5.40 17.41
C ALA B 176 7.71 -6.72 17.75
N GLY B 177 8.40 -7.33 16.80
CA GLY B 177 9.15 -8.55 17.06
C GLY B 177 8.30 -9.76 17.42
N LEU B 178 7.12 -9.89 16.82
CA LEU B 178 6.17 -10.95 17.13
C LEU B 178 6.53 -12.24 16.38
N ALA B 179 5.95 -13.36 16.83
CA ALA B 179 6.02 -14.59 16.05
C ALA B 179 5.37 -14.39 14.67
N PRO B 180 5.67 -15.26 13.70
CA PRO B 180 5.20 -15.04 12.31
C PRO B 180 3.67 -15.06 12.22
N PRO B 181 3.09 -14.11 11.47
CA PRO B 181 1.62 -13.99 11.40
C PRO B 181 1.01 -15.02 10.44
N LEU B 182 -0.31 -15.16 10.50
CA LEU B 182 -1.10 -16.08 9.67
C LEU B 182 -2.06 -15.30 8.78
N ASP B 183 -2.01 -15.58 7.48
CA ASP B 183 -2.94 -15.04 6.50
C ASP B 183 -4.35 -15.55 6.76
N GLY B 184 -5.34 -14.88 6.16
CA GLY B 184 -6.74 -15.18 6.43
C GLY B 184 -7.23 -16.49 5.80
N VAL B 185 -8.51 -16.80 6.03
CA VAL B 185 -9.02 -18.12 5.67
C VAL B 185 -9.28 -18.18 4.17
N TYR B 186 -9.04 -19.36 3.58
CA TYR B 186 -9.41 -19.61 2.19
C TYR B 186 -10.69 -20.43 2.20
N PRO B 187 -11.85 -19.86 1.82
CA PRO B 187 -13.12 -20.51 2.14
C PRO B 187 -13.57 -21.57 1.15
N ALA B 188 -12.93 -21.69 -0.01
CA ALA B 188 -13.33 -22.66 -1.03
C ALA B 188 -12.78 -24.01 -0.60
N ILE B 189 -13.58 -24.73 0.19
CA ILE B 189 -13.12 -25.92 0.92
C ILE B 189 -12.43 -26.92 -0.02
N GLN B 190 -13.08 -27.24 -1.14
CA GLN B 190 -12.57 -28.33 -1.98
C GLN B 190 -11.65 -27.85 -3.09
N ASN B 191 -11.51 -26.54 -3.27
CA ASN B 191 -10.61 -26.02 -4.30
C ASN B 191 -9.18 -26.02 -3.76
N ARG B 192 -8.56 -27.20 -3.77
CA ARG B 192 -7.19 -27.31 -3.28
C ARG B 192 -6.22 -26.51 -4.14
N ALA B 193 -6.50 -26.39 -5.45
CA ALA B 193 -5.60 -25.65 -6.32
C ALA B 193 -5.63 -24.17 -6.03
N GLY B 194 -6.82 -23.64 -5.70
CA GLY B 194 -6.90 -22.27 -5.24
C GLY B 194 -6.30 -22.09 -3.86
N LEU B 195 -6.57 -23.03 -2.95
CA LEU B 195 -5.93 -22.98 -1.64
C LEU B 195 -4.41 -22.97 -1.76
N VAL B 196 -3.87 -23.86 -2.61
CA VAL B 196 -2.41 -23.98 -2.74
C VAL B 196 -1.83 -22.66 -3.19
N GLU B 197 -2.53 -21.98 -4.10
CA GLU B 197 -2.09 -20.67 -4.56
C GLU B 197 -2.21 -19.63 -3.45
N ALA B 198 -3.29 -19.68 -2.65
CA ALA B 198 -3.39 -18.71 -1.55
C ALA B 198 -2.30 -18.94 -0.53
N VAL B 199 -1.90 -20.20 -0.34
CA VAL B 199 -0.85 -20.52 0.62
C VAL B 199 0.49 -20.04 0.11
N ARG B 200 0.78 -20.20 -1.17
CA ARG B 200 2.10 -19.81 -1.65
C ARG B 200 2.24 -18.31 -1.74
N PHE B 201 1.16 -17.60 -2.06
CA PHE B 201 1.21 -16.16 -2.05
C PHE B 201 1.50 -15.65 -0.64
N ALA B 202 0.88 -16.27 0.36
CA ALA B 202 1.06 -15.82 1.74
C ALA B 202 2.50 -16.03 2.18
N ARG B 203 3.07 -17.21 1.87
CA ARG B 203 4.46 -17.50 2.26
C ARG B 203 5.45 -16.59 1.56
N ASP B 204 5.26 -16.35 0.26
CA ASP B 204 6.20 -15.54 -0.49
C ASP B 204 6.30 -14.16 0.11
N MET B 205 5.23 -13.74 0.78
CA MET B 205 5.07 -12.44 1.40
C MET B 205 5.53 -12.40 2.85
N GLY B 206 5.86 -13.53 3.46
CA GLY B 206 6.37 -13.56 4.82
C GLY B 206 5.44 -14.12 5.87
N PHE B 207 4.27 -14.60 5.49
CA PHE B 207 3.39 -15.25 6.50
C PHE B 207 4.01 -16.61 6.83
N GLY B 208 3.75 -17.11 8.03
CA GLY B 208 4.25 -18.44 8.40
C GLY B 208 3.20 -19.50 8.13
N GLY B 209 1.95 -19.08 8.11
CA GLY B 209 0.87 -20.03 7.88
C GLY B 209 -0.45 -19.35 7.62
N LEU B 210 -1.51 -20.14 7.63
CA LEU B 210 -2.84 -19.62 7.28
C LEU B 210 -3.86 -20.10 8.31
N LEU B 211 -4.88 -19.27 8.56
CA LEU B 211 -6.01 -19.73 9.38
C LEU B 211 -6.80 -20.67 8.46
N CYS B 212 -7.23 -21.82 8.96
CA CYS B 212 -7.91 -22.83 8.11
C CYS B 212 -9.28 -23.15 8.70
N ILE B 213 -10.19 -23.67 7.90
CA ILE B 213 -11.55 -23.93 8.35
C ILE B 213 -12.03 -25.34 8.05
N HIS B 214 -11.19 -26.19 7.47
CA HIS B 214 -11.62 -27.53 7.25
C HIS B 214 -10.37 -28.39 7.39
N PRO B 215 -10.49 -29.57 8.00
CA PRO B 215 -9.32 -30.44 8.13
C PRO B 215 -8.70 -30.86 6.81
N SER B 216 -9.46 -30.91 5.70
CA SER B 216 -8.86 -31.26 4.41
C SER B 216 -7.89 -30.19 3.89
N GLN B 217 -7.87 -28.98 4.47
CA GLN B 217 -6.98 -27.90 4.06
C GLN B 217 -5.58 -28.04 4.67
N VAL B 218 -5.43 -28.87 5.70
CA VAL B 218 -4.21 -28.88 6.50
C VAL B 218 -3.03 -29.40 5.69
N GLU B 219 -3.22 -30.55 5.01
CA GLU B 219 -2.15 -31.17 4.23
C GLU B 219 -1.73 -30.33 3.03
N PRO B 220 -2.64 -29.82 2.19
CA PRO B 220 -2.21 -28.84 1.16
C PRO B 220 -1.40 -27.65 1.72
N ILE B 221 -1.79 -27.09 2.86
CA ILE B 221 -1.04 -25.96 3.39
C ILE B 221 0.36 -26.38 3.81
N HIS B 222 0.50 -27.52 4.49
CA HIS B 222 1.80 -27.89 4.99
C HIS B 222 2.73 -28.30 3.87
N GLN B 223 2.21 -28.79 2.76
CA GLN B 223 3.07 -29.27 1.65
C GLN B 223 3.49 -28.08 0.80
N THR B 224 2.66 -27.04 0.75
CA THR B 224 2.92 -25.87 -0.09
C THR B 224 3.88 -24.94 0.66
N LEU B 225 3.97 -25.07 1.98
CA LEU B 225 4.86 -24.24 2.78
C LEU B 225 6.29 -24.74 2.75
N MET B 226 6.48 -26.04 2.61
CA MET B 226 7.83 -26.59 2.56
C MET B 226 8.56 -26.14 1.29
N PRO B 227 9.85 -25.80 1.41
CA PRO B 227 10.60 -25.38 0.22
C PRO B 227 10.63 -26.45 -0.86
N SER B 228 10.52 -26.03 -2.12
CA SER B 228 10.61 -26.93 -3.24
C SER B 228 12.02 -27.50 -3.37
N PRO B 229 12.16 -28.68 -3.96
CA PRO B 229 13.52 -29.16 -4.29
C PRO B 229 14.35 -28.09 -5.02
N ALA B 230 13.73 -27.32 -5.90
CA ALA B 230 14.47 -26.28 -6.61
C ALA B 230 14.97 -25.22 -5.64
N GLU B 231 14.09 -24.68 -4.81
CA GLU B 231 14.50 -23.62 -3.89
C GLU B 231 15.62 -24.10 -2.97
N LEU B 232 15.54 -25.33 -2.47
CA LEU B 232 16.60 -25.85 -1.62
C LEU B 232 17.88 -26.05 -2.43
N GLU B 233 17.75 -26.53 -3.67
CA GLU B 233 18.94 -26.66 -4.50
C GLU B 233 19.56 -25.30 -4.81
N TRP B 234 18.74 -24.27 -4.95
CA TRP B 234 19.30 -22.94 -5.14
C TRP B 234 20.12 -22.51 -3.93
N ALA B 235 19.51 -22.60 -2.73
CA ALA B 235 20.18 -22.17 -1.51
C ALA B 235 21.48 -22.92 -1.30
N ARG B 236 21.48 -24.22 -1.58
CA ARG B 236 22.70 -25.00 -1.45
C ARG B 236 23.80 -24.46 -2.33
N ARG B 237 23.48 -24.15 -3.58
CA ARG B 237 24.54 -23.69 -4.46
C ARG B 237 24.97 -22.27 -4.14
N VAL B 238 24.05 -21.39 -3.69
CA VAL B 238 24.51 -20.07 -3.27
C VAL B 238 25.27 -20.16 -1.96
N ALA B 239 24.86 -21.08 -1.08
CA ALA B 239 25.60 -21.27 0.17
C ALA B 239 26.96 -21.90 -0.11
N GLU B 240 27.02 -22.80 -1.10
CA GLU B 240 28.28 -23.43 -1.47
C GLU B 240 29.26 -22.44 -2.08
N ALA B 241 28.77 -21.53 -2.93
CA ALA B 241 29.65 -20.59 -3.59
C ALA B 241 30.12 -19.48 -2.65
N GLY B 242 29.47 -19.30 -1.51
CA GLY B 242 29.85 -18.33 -0.52
C GLY B 242 30.56 -18.93 0.68
N ALA B 243 30.99 -20.19 0.60
CA ALA B 243 31.68 -20.81 1.72
C ALA B 243 33.10 -20.27 1.84
N SER B 244 33.81 -20.19 0.72
CA SER B 244 35.15 -19.58 0.70
C SER B 244 35.16 -18.30 1.53
N GLY B 245 34.18 -17.44 1.30
CA GLY B 245 34.03 -16.26 2.14
C GLY B 245 34.00 -15.00 1.33
N ALA B 246 33.87 -15.15 0.01
CA ALA B 246 33.80 -13.98 -0.86
C ALA B 246 32.61 -13.10 -0.49
N GLY B 247 32.79 -11.80 -0.72
CA GLY B 247 31.79 -10.78 -0.47
C GLY B 247 30.66 -10.78 -1.47
N VAL B 248 31.01 -10.84 -2.76
CA VAL B 248 30.00 -10.82 -3.82
C VAL B 248 30.43 -11.80 -4.91
N PHE B 249 29.47 -12.51 -5.50
CA PHE B 249 29.74 -13.50 -6.55
C PHE B 249 28.49 -13.65 -7.40
N VAL B 250 28.52 -14.60 -8.34
CA VAL B 250 27.39 -14.89 -9.23
C VAL B 250 26.97 -16.34 -9.06
N VAL B 251 25.66 -16.58 -8.96
CA VAL B 251 25.22 -17.96 -8.82
C VAL B 251 24.35 -18.43 -9.99
N ASP B 252 23.17 -17.84 -10.18
CA ASP B 252 22.43 -18.27 -11.35
C ASP B 252 22.33 -17.12 -12.32
N GLY B 253 23.47 -16.60 -12.76
CA GLY B 253 23.49 -15.35 -13.50
C GLY B 253 23.13 -14.15 -12.66
N GLU B 254 22.98 -14.33 -11.35
CA GLU B 254 22.53 -13.27 -10.45
C GLU B 254 23.63 -12.91 -9.47
N MET B 255 23.80 -11.61 -9.23
CA MET B 255 24.73 -11.15 -8.21
C MET B 255 24.27 -11.65 -6.86
N VAL B 256 25.21 -12.12 -6.05
CA VAL B 256 24.94 -12.54 -4.68
C VAL B 256 25.85 -11.79 -3.71
N ASP B 257 25.25 -10.99 -2.84
CA ASP B 257 25.95 -10.30 -1.77
C ASP B 257 25.47 -10.86 -0.43
N ALA B 258 25.90 -10.21 0.65
CA ALA B 258 25.53 -10.63 2.00
C ALA B 258 24.04 -10.89 2.20
N PRO B 259 23.13 -10.00 1.76
CA PRO B 259 21.70 -10.25 2.03
C PRO B 259 21.15 -11.46 1.32
N VAL B 260 21.64 -11.74 0.11
CA VAL B 260 21.17 -12.92 -0.61
C VAL B 260 21.71 -14.18 0.02
N LEU B 261 22.99 -14.18 0.40
CA LEU B 261 23.56 -15.32 1.11
C LEU B 261 22.76 -15.64 2.36
N GLY B 262 22.30 -14.60 3.08
CA GLY B 262 21.53 -14.84 4.29
C GLY B 262 20.17 -15.47 4.05
N ARG B 263 19.54 -15.17 2.91
CA ARG B 263 18.29 -15.81 2.58
C ARG B 263 18.50 -17.28 2.29
N ALA B 264 19.60 -17.60 1.57
CA ALA B 264 19.88 -18.98 1.23
C ALA B 264 20.24 -19.78 2.47
N ARG B 265 20.95 -19.17 3.42
CA ARG B 265 21.28 -19.91 4.63
C ARG B 265 20.04 -20.08 5.52
N ARG B 266 19.18 -19.08 5.59
CA ARG B 266 17.96 -19.21 6.40
C ARG B 266 16.99 -20.23 5.81
N LEU B 267 16.92 -20.34 4.48
CA LEU B 267 16.07 -21.35 3.87
C LEU B 267 16.57 -22.75 4.22
N LEU B 268 17.87 -22.97 4.08
CA LEU B 268 18.43 -24.29 4.36
C LEU B 268 18.24 -24.69 5.82
N GLU B 269 18.18 -23.73 6.73
CA GLU B 269 18.09 -24.04 8.16
C GLU B 269 16.66 -24.05 8.66
N ARG B 270 15.85 -23.04 8.30
CA ARG B 270 14.46 -23.03 8.73
C ARG B 270 13.72 -24.28 8.25
N ALA B 271 14.17 -24.88 7.16
CA ALA B 271 13.55 -26.11 6.64
C ALA B 271 14.68 -27.10 6.31
N GLY B 272 15.14 -27.82 7.33
CA GLY B 272 16.14 -28.85 7.14
C GLY B 272 17.35 -28.63 8.02
N GLU B 273 18.47 -29.27 7.66
CA GLU B 273 19.69 -29.18 8.45
C GLU B 273 20.41 -27.86 8.21
N GLY B 274 20.76 -27.18 9.31
CA GLY B 274 21.56 -25.98 9.23
C GLY B 274 23.06 -26.25 9.30
N GLY B 275 23.83 -25.20 9.05
CA GLY B 275 25.28 -25.33 9.00
C GLY B 275 25.78 -25.50 7.57
N MET C 1 21.27 20.39 -1.33
CA MET C 1 22.17 19.57 -2.14
C MET C 1 21.87 19.70 -3.62
N ASN C 2 22.30 18.69 -4.36
CA ASN C 2 21.98 18.53 -5.77
C ASN C 2 20.56 17.99 -5.92
N ARG C 3 19.67 18.73 -6.61
CA ARG C 3 18.32 18.27 -6.93
C ARG C 3 18.24 17.70 -8.36
N GLN C 4 19.33 17.16 -8.87
CA GLN C 4 19.32 16.65 -10.22
C GLN C 4 18.99 15.17 -10.23
N ILE C 5 18.67 14.67 -11.40
CA ILE C 5 18.29 13.27 -11.54
C ILE C 5 19.55 12.45 -11.61
N VAL C 6 19.63 11.40 -10.81
CA VAL C 6 20.65 10.37 -11.00
C VAL C 6 19.99 9.17 -11.64
N ARG C 7 20.32 8.91 -12.91
CA ARG C 7 19.69 7.82 -13.65
C ARG C 7 20.23 6.48 -13.22
N SER C 8 21.50 6.46 -12.81
CA SER C 8 22.18 5.21 -12.48
C SER C 8 23.29 5.50 -11.49
N ALA C 9 23.39 4.63 -10.48
CA ALA C 9 24.42 4.72 -9.45
C ALA C 9 25.01 3.32 -9.36
N LEU C 10 26.23 3.16 -9.91
CA LEU C 10 26.86 1.86 -10.12
C LEU C 10 27.76 1.50 -8.92
N PHE C 11 27.37 0.45 -8.20
CA PHE C 11 28.18 -0.09 -7.13
C PHE C 11 29.44 -0.75 -7.68
N VAL C 12 30.54 -0.60 -6.96
CA VAL C 12 31.76 -1.37 -7.19
C VAL C 12 32.49 -1.54 -5.86
N PRO C 13 32.85 -2.76 -5.46
CA PRO C 13 33.41 -2.93 -4.11
C PRO C 13 34.83 -2.43 -4.04
N ALA C 14 35.18 -1.91 -2.86
CA ALA C 14 36.52 -1.35 -2.64
C ALA C 14 37.61 -2.41 -2.52
N THR C 15 37.25 -3.70 -2.66
CA THR C 15 38.23 -4.78 -2.76
C THR C 15 38.80 -4.88 -4.17
N ARG C 16 38.13 -4.29 -5.15
CA ARG C 16 38.53 -4.38 -6.56
C ARG C 16 38.82 -3.00 -7.11
N PRO C 17 39.87 -2.34 -6.59
CA PRO C 17 40.15 -0.96 -7.01
C PRO C 17 40.48 -0.81 -8.49
N GLU C 18 40.95 -1.86 -9.17
CA GLU C 18 41.17 -1.76 -10.62
C GLU C 18 39.86 -1.60 -11.38
N ARG C 19 38.72 -1.88 -10.72
CA ARG C 19 37.39 -1.74 -11.31
C ARG C 19 36.76 -0.38 -11.08
N ILE C 20 37.24 0.40 -10.10
CA ILE C 20 36.71 1.75 -9.92
C ILE C 20 36.86 2.58 -11.20
N PRO C 21 38.03 2.64 -11.85
CA PRO C 21 38.10 3.39 -13.12
C PRO C 21 37.14 2.87 -14.14
N LYS C 22 36.98 1.54 -14.22
CA LYS C 22 36.02 0.98 -15.18
C LYS C 22 34.61 1.43 -14.86
N ALA C 23 34.25 1.47 -13.58
CA ALA C 23 32.92 1.95 -13.20
C ALA C 23 32.69 3.37 -13.71
N LEU C 24 33.66 4.27 -13.49
CA LEU C 24 33.50 5.65 -13.91
C LEU C 24 33.43 5.78 -15.43
N ALA C 25 34.27 5.04 -16.16
CA ALA C 25 34.23 5.08 -17.63
C ALA C 25 32.96 4.45 -18.19
N SER C 26 32.14 3.83 -17.34
CA SER C 26 30.85 3.28 -17.75
C SER C 26 29.89 4.35 -18.27
N GLY C 27 30.00 5.57 -17.75
CA GLY C 27 28.98 6.58 -17.97
C GLY C 27 27.88 6.60 -16.93
N ALA C 28 27.99 5.79 -15.90
CA ALA C 28 27.02 5.86 -14.83
C ALA C 28 26.96 7.27 -14.26
N ASP C 29 25.74 7.75 -14.01
CA ASP C 29 25.60 9.09 -13.43
C ASP C 29 26.29 9.21 -12.08
N ARG C 30 26.27 8.15 -11.27
CA ARG C 30 27.09 8.11 -10.08
C ARG C 30 27.76 6.74 -9.99
N VAL C 31 28.95 6.71 -9.40
CA VAL C 31 29.62 5.48 -9.01
C VAL C 31 29.70 5.47 -7.50
N ILE C 32 29.31 4.33 -6.90
CA ILE C 32 29.36 4.08 -5.46
C ILE C 32 30.49 3.10 -5.20
N VAL C 33 31.47 3.52 -4.42
CA VAL C 33 32.51 2.61 -3.96
C VAL C 33 32.05 1.98 -2.63
N ASP C 34 32.09 0.66 -2.55
CA ASP C 34 31.46 -0.06 -1.46
C ASP C 34 32.47 -0.50 -0.40
N LEU C 35 32.10 -0.28 0.86
CA LEU C 35 32.85 -0.71 2.02
C LEU C 35 32.04 -1.62 2.92
N GLU C 36 30.81 -1.93 2.54
CA GLU C 36 29.90 -2.64 3.42
C GLU C 36 29.67 -4.04 2.87
N ASP C 37 28.46 -4.32 2.43
CA ASP C 37 28.02 -5.70 2.26
C ASP C 37 28.61 -6.44 1.05
N ALA C 38 29.50 -5.83 0.26
CA ALA C 38 30.23 -6.59 -0.76
C ALA C 38 31.66 -6.83 -0.39
N VAL C 39 32.13 -6.25 0.72
CA VAL C 39 33.48 -6.45 1.22
C VAL C 39 33.38 -7.34 2.44
N GLU C 40 34.06 -8.49 2.39
CA GLU C 40 34.06 -9.42 3.50
C GLU C 40 34.73 -8.76 4.70
N GLU C 41 34.23 -9.11 5.89
CA GLU C 41 34.75 -8.52 7.12
C GLU C 41 36.26 -8.39 7.07
N GLY C 42 36.94 -9.50 6.73
CA GLY C 42 38.38 -9.55 6.79
C GLY C 42 39.09 -8.59 5.85
N LEU C 43 38.41 -8.06 4.83
CA LEU C 43 39.06 -7.17 3.86
C LEU C 43 38.65 -5.72 3.98
N LYS C 44 37.85 -5.36 5.01
CA LYS C 44 37.32 -4.00 5.07
C LYS C 44 38.41 -2.96 5.32
N VAL C 45 39.39 -3.28 6.18
CA VAL C 45 40.47 -2.31 6.46
C VAL C 45 41.31 -2.09 5.22
N GLU C 46 41.71 -3.19 4.56
CA GLU C 46 42.47 -3.06 3.32
C GLU C 46 41.63 -2.41 2.22
N ALA C 47 40.34 -2.73 2.16
CA ALA C 47 39.47 -2.13 1.15
C ALA C 47 39.37 -0.62 1.33
N ARG C 48 39.25 -0.16 2.57
CA ARG C 48 39.26 1.28 2.83
C ARG C 48 40.55 1.89 2.34
N ALA C 49 41.66 1.20 2.56
CA ALA C 49 42.96 1.68 2.14
C ALA C 49 43.08 1.66 0.63
N ASN C 50 42.43 0.72 -0.04
CA ASN C 50 42.35 0.78 -1.49
C ASN C 50 41.60 2.01 -1.95
N LEU C 51 40.52 2.34 -1.26
CA LEU C 51 39.71 3.48 -1.69
C LEU C 51 40.45 4.78 -1.41
N ARG C 52 41.08 4.87 -0.25
CA ARG C 52 41.87 6.05 0.08
C ARG C 52 42.91 6.29 -0.99
N ARG C 53 43.63 5.23 -1.39
CA ARG C 53 44.68 5.38 -2.40
C ARG C 53 44.10 5.78 -3.76
N PHE C 54 42.94 5.23 -4.14
CA PHE C 54 42.34 5.64 -5.41
C PHE C 54 41.97 7.12 -5.41
N LEU C 55 41.40 7.61 -4.31
CA LEU C 55 41.00 9.01 -4.24
C LEU C 55 42.22 9.93 -4.34
N VAL C 56 43.30 9.58 -3.64
CA VAL C 56 44.50 10.39 -3.73
C VAL C 56 45.05 10.39 -5.15
N ASP C 57 45.12 9.22 -5.78
CA ASP C 57 45.73 9.11 -7.11
C ASP C 57 44.86 9.66 -8.20
N THR C 58 43.60 9.97 -7.91
CA THR C 58 42.60 10.35 -8.92
C THR C 58 41.84 11.59 -8.44
N PRO C 59 42.53 12.73 -8.31
CA PRO C 59 41.87 13.93 -7.71
C PRO C 59 40.64 14.42 -8.48
N GLU C 60 40.59 14.25 -9.79
CA GLU C 60 39.41 14.70 -10.53
C GLU C 60 38.23 13.75 -10.39
N ALA C 61 38.42 12.56 -9.81
CA ALA C 61 37.33 11.59 -9.65
C ALA C 61 36.37 12.03 -8.55
N ARG C 62 35.08 11.84 -8.79
CA ARG C 62 34.05 12.17 -7.82
C ARG C 62 33.17 10.94 -7.63
N VAL C 63 33.12 10.39 -6.42
CA VAL C 63 32.44 9.13 -6.19
C VAL C 63 31.56 9.24 -4.96
N LEU C 64 30.64 8.32 -4.85
CA LEU C 64 29.85 8.14 -3.65
C LEU C 64 30.41 6.92 -2.94
N VAL C 65 30.35 6.90 -1.60
CA VAL C 65 30.89 5.81 -0.81
C VAL C 65 29.78 5.21 0.03
N ARG C 66 29.61 3.90 -0.03
CA ARG C 66 28.75 3.22 0.93
C ARG C 66 29.58 2.73 2.12
N ILE C 67 29.39 3.39 3.27
CA ILE C 67 30.12 3.02 4.47
C ILE C 67 29.37 1.93 5.21
N ASN C 68 30.00 1.42 6.25
CA ASN C 68 29.37 0.52 7.21
C ASN C 68 28.58 1.33 8.23
N ALA C 69 27.49 0.75 8.72
CA ALA C 69 26.67 1.52 9.64
C ALA C 69 27.35 1.63 11.00
N ALA C 70 26.74 2.42 11.90
CA ALA C 70 27.39 2.80 13.17
C ALA C 70 27.61 1.60 14.08
N GLU C 71 26.88 0.51 13.87
CA GLU C 71 27.16 -0.71 14.62
C GLU C 71 28.52 -1.27 14.28
N HIS C 72 29.07 -0.88 13.24
CA HIS C 72 30.32 -1.49 12.85
C HIS C 72 31.52 -0.78 13.49
N PRO C 73 32.57 -1.52 13.84
CA PRO C 73 33.75 -0.90 14.45
C PRO C 73 34.50 0.05 13.53
N GLY C 74 34.40 -0.12 12.21
CA GLY C 74 35.02 0.76 11.24
C GLY C 74 34.18 1.96 10.87
N HIS C 75 33.00 2.10 11.46
CA HIS C 75 32.14 3.22 11.12
C HIS C 75 32.92 4.53 11.14
N ALA C 76 33.62 4.81 12.25
CA ALA C 76 34.30 6.10 12.39
C ALA C 76 35.42 6.27 11.35
N ASP C 77 36.16 5.20 11.05
CA ASP C 77 37.17 5.28 9.98
C ASP C 77 36.54 5.52 8.63
N ASP C 78 35.37 4.93 8.37
CA ASP C 78 34.68 5.20 7.11
C ASP C 78 34.28 6.67 7.01
N LEU C 79 33.69 7.21 8.10
CA LEU C 79 33.30 8.60 8.08
C LEU C 79 34.49 9.53 7.83
N ALA C 80 35.65 9.22 8.43
CA ALA C 80 36.80 10.10 8.26
C ALA C 80 37.23 10.11 6.81
N LEU C 81 37.17 8.96 6.16
CA LEU C 81 37.56 8.89 4.76
C LEU C 81 36.59 9.71 3.91
N CYS C 82 35.29 9.68 4.23
CA CYS C 82 34.34 10.47 3.45
C CYS C 82 34.56 11.95 3.72
N ARG C 83 35.01 12.29 4.94
CA ARG C 83 35.21 13.68 5.31
C ARG C 83 36.46 14.26 4.68
N ASP C 84 37.49 13.44 4.47
CA ASP C 84 38.83 13.93 4.21
C ASP C 84 39.22 13.97 2.74
N HIS C 85 38.41 13.46 1.82
CA HIS C 85 38.71 13.53 0.38
C HIS C 85 37.60 14.25 -0.38
N ALA C 86 38.00 15.24 -1.16
CA ALA C 86 37.03 16.03 -1.92
C ALA C 86 36.32 15.19 -2.96
N GLY C 87 36.96 14.10 -3.42
CA GLY C 87 36.37 13.22 -4.41
C GLY C 87 35.15 12.50 -3.90
N VAL C 88 34.99 12.41 -2.59
CA VAL C 88 33.79 11.82 -2.01
C VAL C 88 32.71 12.91 -1.94
N ILE C 89 31.68 12.77 -2.77
CA ILE C 89 30.66 13.79 -2.90
C ILE C 89 29.36 13.42 -2.16
N GLY C 90 29.39 12.33 -1.39
CA GLY C 90 28.24 11.90 -0.61
C GLY C 90 28.45 10.48 -0.14
N LEU C 91 27.61 10.06 0.80
CA LEU C 91 27.74 8.72 1.33
C LEU C 91 26.40 8.01 1.39
N LEU C 92 26.42 6.74 1.02
CA LEU C 92 25.28 5.88 1.23
C LEU C 92 25.35 5.41 2.68
N LEU C 93 24.28 5.66 3.45
CA LEU C 93 24.17 5.21 4.83
C LEU C 93 23.27 3.98 4.90
N PRO C 94 23.79 2.77 5.05
CA PRO C 94 22.92 1.58 5.04
C PRO C 94 22.16 1.40 6.33
N LYS C 95 21.10 0.59 6.24
CA LYS C 95 20.32 0.11 7.40
C LYS C 95 19.79 1.27 8.24
N VAL C 96 19.42 2.37 7.60
CA VAL C 96 19.07 3.59 8.33
C VAL C 96 17.76 3.38 9.08
N GLU C 97 17.74 3.75 10.36
CA GLU C 97 16.55 3.53 11.18
C GLU C 97 16.17 4.72 12.03
N SER C 98 16.88 5.84 11.90
CA SER C 98 16.60 6.99 12.75
C SER C 98 17.18 8.24 12.10
N ALA C 99 16.51 9.37 12.35
CA ALA C 99 17.01 10.64 11.85
C ALA C 99 18.33 11.00 12.50
N ALA C 100 18.52 10.58 13.75
CA ALA C 100 19.79 10.82 14.44
C ALA C 100 20.96 10.12 13.76
N GLN C 101 20.74 8.95 13.13
CA GLN C 101 21.81 8.30 12.38
C GLN C 101 22.22 9.12 11.16
N VAL C 102 21.23 9.67 10.44
CA VAL C 102 21.53 10.52 9.30
C VAL C 102 22.29 11.75 9.75
N ARG C 103 21.86 12.36 10.85
CA ARG C 103 22.50 13.60 11.28
C ARG C 103 23.95 13.35 11.69
N HIS C 104 24.21 12.21 12.32
CA HIS C 104 25.58 11.94 12.73
C HIS C 104 26.47 11.72 11.52
N ALA C 105 25.99 10.96 10.53
CA ALA C 105 26.75 10.75 9.30
C ALA C 105 26.94 12.05 8.52
N ALA C 106 25.93 12.90 8.48
CA ALA C 106 26.10 14.15 7.75
C ALA C 106 27.08 15.07 8.49
N VAL C 107 26.89 15.29 9.80
CA VAL C 107 27.77 16.23 10.49
C VAL C 107 29.23 15.74 10.45
N ALA C 108 29.45 14.44 10.69
CA ALA C 108 30.84 13.95 10.77
C ALA C 108 31.52 13.91 9.41
N SER C 109 30.77 13.58 8.35
CA SER C 109 31.36 13.54 7.02
C SER C 109 31.43 14.93 6.40
N GLY C 110 30.52 15.84 6.79
CA GLY C 110 30.42 17.09 6.08
C GLY C 110 29.95 16.94 4.63
N LYS C 111 29.36 15.81 4.27
CA LYS C 111 28.96 15.50 2.91
C LYS C 111 27.48 15.13 2.90
N PRO C 112 26.84 15.14 1.73
CA PRO C 112 25.43 14.74 1.66
C PRO C 112 25.25 13.26 1.91
N VAL C 113 24.11 12.92 2.50
CA VAL C 113 23.78 11.53 2.86
C VAL C 113 22.71 11.01 1.91
N TRP C 114 22.94 9.82 1.36
CA TRP C 114 21.94 9.01 0.69
C TRP C 114 21.54 7.89 1.66
N PRO C 115 20.45 8.04 2.43
CA PRO C 115 19.96 6.89 3.21
C PRO C 115 19.54 5.77 2.27
N ILE C 116 19.86 4.55 2.65
CA ILE C 116 19.25 3.39 2.04
C ILE C 116 18.20 2.87 3.02
N VAL C 117 16.94 2.81 2.54
CA VAL C 117 15.85 2.21 3.30
C VAL C 117 15.92 0.70 3.07
N GLU C 118 16.39 -0.04 4.09
CA GLU C 118 16.68 -1.47 3.96
C GLU C 118 15.96 -2.33 4.99
N SER C 119 15.02 -1.77 5.75
CA SER C 119 14.44 -2.53 6.84
C SER C 119 13.08 -2.00 7.22
N ALA C 120 12.29 -2.87 7.84
CA ALA C 120 11.03 -2.45 8.41
C ALA C 120 11.22 -1.25 9.32
N ARG C 121 12.25 -1.30 10.18
CA ARG C 121 12.53 -0.18 11.06
C ARG C 121 12.76 1.10 10.26
N GLY C 122 13.51 1.01 9.17
CA GLY C 122 13.70 2.21 8.35
C GLY C 122 12.39 2.77 7.87
N LEU C 123 11.52 1.91 7.34
CA LEU C 123 10.26 2.37 6.78
C LEU C 123 9.42 3.09 7.84
N ALA C 124 9.35 2.50 9.03
CA ALA C 124 8.49 3.10 10.05
C ALA C 124 8.95 4.49 10.45
N ALA C 125 10.26 4.76 10.39
CA ALA C 125 10.83 6.04 10.74
C ALA C 125 11.10 6.95 9.53
N LEU C 126 10.53 6.63 8.36
CA LEU C 126 10.98 7.25 7.13
C LEU C 126 10.63 8.73 7.06
N GLY C 127 9.55 9.16 7.73
CA GLY C 127 9.27 10.57 7.93
C GLY C 127 10.42 11.32 8.58
N GLU C 128 10.84 10.86 9.75
CA GLU C 128 12.00 11.46 10.40
C GLU C 128 13.19 11.46 9.46
N ILE C 129 13.46 10.30 8.84
CA ILE C 129 14.69 10.07 8.08
C ILE C 129 14.73 10.96 6.84
N ALA C 130 13.66 11.00 6.07
CA ALA C 130 13.69 11.76 4.84
C ALA C 130 13.83 13.26 5.11
N ALA C 131 13.36 13.74 6.28
CA ALA C 131 13.40 15.15 6.67
C ALA C 131 14.70 15.55 7.42
N ALA C 132 15.59 14.61 7.69
CA ALA C 132 16.77 14.93 8.47
C ALA C 132 17.65 15.90 7.68
N ALA C 133 18.35 16.77 8.40
CA ALA C 133 19.21 17.73 7.71
C ALA C 133 20.43 17.00 7.15
N GLY C 134 20.72 17.20 5.87
CA GLY C 134 21.77 16.52 5.15
C GLY C 134 21.30 15.56 4.06
N VAL C 135 20.00 15.24 4.00
CA VAL C 135 19.51 14.22 3.06
C VAL C 135 19.39 14.84 1.68
N GLU C 136 19.93 14.14 0.68
CA GLU C 136 19.86 14.52 -0.72
C GLU C 136 18.77 13.77 -1.46
N ARG C 137 18.71 12.46 -1.25
CA ARG C 137 17.72 11.63 -1.90
C ARG C 137 17.72 10.30 -1.18
N LEU C 138 16.66 9.54 -1.39
CA LEU C 138 16.54 8.21 -0.84
C LEU C 138 16.80 7.19 -1.94
N SER C 139 17.28 6.03 -1.51
CA SER C 139 17.51 4.88 -2.36
C SER C 139 16.94 3.67 -1.63
N PHE C 140 16.79 2.56 -2.33
CA PHE C 140 15.96 1.47 -1.84
C PHE C 140 16.81 0.20 -1.83
N GLY C 141 16.98 -0.39 -0.65
CA GLY C 141 17.69 -1.66 -0.57
C GLY C 141 16.75 -2.85 -0.68
N SER C 142 16.44 -3.26 -1.91
CA SER C 142 15.42 -4.27 -2.12
C SER C 142 15.83 -5.63 -1.54
N LEU C 143 17.11 -6.00 -1.61
CA LEU C 143 17.49 -7.31 -1.13
C LEU C 143 17.60 -7.35 0.40
N ASP C 144 18.09 -6.28 1.02
CA ASP C 144 18.05 -6.23 2.47
C ASP C 144 16.60 -6.31 2.98
N LEU C 145 15.69 -5.57 2.35
CA LEU C 145 14.31 -5.59 2.83
C LEU C 145 13.64 -6.95 2.64
N ALA C 146 13.98 -7.70 1.59
CA ALA C 146 13.46 -9.06 1.51
C ALA C 146 13.98 -9.90 2.66
N LEU C 147 15.25 -9.73 3.03
CA LEU C 147 15.77 -10.45 4.17
C LEU C 147 15.01 -10.09 5.44
N ASP C 148 14.89 -8.78 5.69
CA ASP C 148 14.28 -8.26 6.91
C ASP C 148 12.83 -8.72 7.09
N LEU C 149 12.08 -8.78 5.99
CA LEU C 149 10.67 -9.15 5.99
C LEU C 149 10.40 -10.57 5.54
N ASP C 150 11.44 -11.40 5.39
CA ASP C 150 11.28 -12.80 5.02
C ASP C 150 10.51 -12.99 3.71
N LEU C 151 10.93 -12.24 2.68
CA LEU C 151 10.31 -12.28 1.37
C LEU C 151 11.00 -13.27 0.42
N ASN C 152 10.19 -13.92 -0.42
CA ASN C 152 10.72 -14.77 -1.49
C ASN C 152 11.02 -13.88 -2.70
N SER C 153 12.25 -13.34 -2.72
CA SER C 153 12.67 -12.39 -3.75
C SER C 153 12.29 -12.89 -5.13
N GLY C 154 11.75 -11.98 -5.93
CA GLY C 154 11.38 -12.32 -7.28
C GLY C 154 9.95 -12.76 -7.47
N SER C 155 9.15 -12.84 -6.41
CA SER C 155 7.82 -13.42 -6.52
C SER C 155 6.77 -12.32 -6.60
N ASN C 156 5.58 -12.69 -7.09
CA ASN C 156 4.47 -11.74 -7.14
C ASN C 156 4.20 -11.14 -5.76
N ALA C 157 4.07 -11.99 -4.73
CA ALA C 157 3.78 -11.46 -3.41
C ALA C 157 4.89 -10.52 -2.93
N ALA C 158 6.15 -10.91 -3.10
CA ALA C 158 7.25 -10.06 -2.62
C ALA C 158 7.23 -8.69 -3.29
N GLU C 159 7.07 -8.64 -4.62
CA GLU C 159 7.03 -7.35 -5.28
C GLU C 159 5.87 -6.52 -4.80
N GLN C 160 4.77 -7.17 -4.39
CA GLN C 160 3.66 -6.41 -3.82
C GLN C 160 4.05 -5.77 -2.50
N ILE C 161 4.81 -6.48 -1.67
CA ILE C 161 5.33 -5.84 -0.45
C ILE C 161 6.29 -4.73 -0.84
N LEU C 162 7.23 -5.04 -1.74
CA LEU C 162 8.16 -4.02 -2.15
C LEU C 162 7.48 -2.79 -2.71
N GLY C 163 6.28 -2.96 -3.30
CA GLY C 163 5.54 -1.81 -3.79
C GLY C 163 5.09 -0.86 -2.69
N HIS C 164 4.72 -1.41 -1.53
CA HIS C 164 4.33 -0.55 -0.41
C HIS C 164 5.53 0.20 0.15
N ALA C 165 6.68 -0.47 0.27
CA ALA C 165 7.87 0.24 0.71
C ALA C 165 8.27 1.30 -0.29
N ARG C 166 8.26 0.96 -1.57
CA ARG C 166 8.64 1.95 -2.58
C ARG C 166 7.78 3.20 -2.47
N TYR C 167 6.49 3.02 -2.17
CA TYR C 167 5.55 4.13 -2.07
C TYR C 167 6.00 5.11 -0.99
N ALA C 168 6.46 4.58 0.14
CA ALA C 168 6.89 5.45 1.23
C ALA C 168 8.15 6.23 0.85
N LEU C 169 9.06 5.58 0.10
CA LEU C 169 10.20 6.33 -0.43
C LEU C 169 9.73 7.45 -1.34
N LEU C 170 8.74 7.16 -2.19
CA LEU C 170 8.19 8.12 -3.16
C LEU C 170 7.33 9.18 -2.47
N LEU C 171 6.48 8.78 -1.54
CA LEU C 171 5.72 9.76 -0.78
C LEU C 171 6.65 10.68 0.03
N GLN C 172 7.56 10.10 0.82
CA GLN C 172 8.39 10.96 1.65
C GLN C 172 9.29 11.84 0.81
N THR C 173 9.67 11.35 -0.38
CA THR C 173 10.51 12.16 -1.24
C THR C 173 9.81 13.49 -1.52
N ARG C 174 8.53 13.44 -1.87
CA ARG C 174 7.74 14.64 -2.18
C ARG C 174 7.50 15.46 -0.92
N LEU C 175 7.15 14.81 0.19
CA LEU C 175 6.89 15.52 1.44
C LEU C 175 8.14 16.23 1.94
N ALA C 176 9.30 15.55 1.91
CA ALA C 176 10.53 16.17 2.41
C ALA C 176 11.22 17.06 1.39
N GLY C 177 10.71 17.14 0.15
CA GLY C 177 11.31 17.97 -0.88
C GLY C 177 12.66 17.49 -1.34
N LEU C 178 12.88 16.17 -1.35
CA LEU C 178 14.18 15.61 -1.73
C LEU C 178 14.32 15.46 -3.25
N ALA C 179 15.59 15.29 -3.67
CA ALA C 179 15.91 14.91 -5.03
C ALA C 179 15.31 13.54 -5.35
N PRO C 180 15.22 13.21 -6.64
CA PRO C 180 14.51 12.01 -7.08
C PRO C 180 15.18 10.74 -6.58
N PRO C 181 14.41 9.79 -6.07
CA PRO C 181 14.97 8.58 -5.48
C PRO C 181 15.44 7.55 -6.52
N LEU C 182 16.18 6.55 -6.03
CA LEU C 182 16.67 5.46 -6.87
C LEU C 182 16.05 4.16 -6.40
N ASP C 183 15.37 3.46 -7.32
CA ASP C 183 14.87 2.11 -7.09
C ASP C 183 16.06 1.15 -6.92
N GLY C 184 15.78 -0.06 -6.41
CA GLY C 184 16.81 -1.01 -6.03
C GLY C 184 17.52 -1.69 -7.20
N VAL C 185 18.50 -2.55 -6.84
CA VAL C 185 19.33 -3.18 -7.87
C VAL C 185 18.57 -4.33 -8.50
N TYR C 186 18.78 -4.50 -9.81
CA TYR C 186 18.27 -5.64 -10.54
C TYR C 186 19.40 -6.64 -10.74
N PRO C 187 19.40 -7.78 -10.03
CA PRO C 187 20.62 -8.57 -9.91
C PRO C 187 20.95 -9.47 -11.08
N ALA C 188 20.04 -9.65 -12.04
CA ALA C 188 20.27 -10.52 -13.20
C ALA C 188 21.05 -9.72 -14.23
N ILE C 189 22.37 -9.83 -14.13
CA ILE C 189 23.30 -8.93 -14.82
C ILE C 189 23.00 -8.86 -16.31
N GLN C 190 22.86 -10.01 -16.96
CA GLN C 190 22.78 -10.06 -18.42
C GLN C 190 21.36 -10.08 -18.95
N ASN C 191 20.35 -10.19 -18.09
CA ASN C 191 18.96 -10.18 -18.54
C ASN C 191 18.46 -8.74 -18.76
N ARG C 192 18.85 -8.18 -19.93
CA ARG C 192 18.50 -6.79 -20.23
C ARG C 192 16.99 -6.59 -20.41
N ALA C 193 16.28 -7.59 -20.90
CA ALA C 193 14.84 -7.42 -21.10
C ALA C 193 14.12 -7.29 -19.77
N GLY C 194 14.56 -8.05 -18.75
CA GLY C 194 14.04 -7.84 -17.41
C GLY C 194 14.50 -6.54 -16.79
N LEU C 195 15.79 -6.19 -16.99
CA LEU C 195 16.29 -4.90 -16.52
C LEU C 195 15.47 -3.77 -17.10
N VAL C 196 15.19 -3.82 -18.41
CA VAL C 196 14.42 -2.74 -19.02
C VAL C 196 13.06 -2.63 -18.35
N GLU C 197 12.43 -3.76 -18.03
CA GLU C 197 11.08 -3.71 -17.46
C GLU C 197 11.11 -3.10 -16.08
N ALA C 198 12.10 -3.49 -15.26
CA ALA C 198 12.24 -2.92 -13.93
C ALA C 198 12.56 -1.43 -14.00
N VAL C 199 13.33 -0.99 -15.00
CA VAL C 199 13.64 0.44 -15.11
C VAL C 199 12.40 1.23 -15.53
N ARG C 200 11.60 0.71 -16.45
CA ARG C 200 10.43 1.48 -16.86
C ARG C 200 9.35 1.48 -15.77
N PHE C 201 9.23 0.39 -15.01
CA PHE C 201 8.31 0.35 -13.88
C PHE C 201 8.70 1.38 -12.83
N ALA C 202 10.00 1.52 -12.56
CA ALA C 202 10.46 2.44 -11.55
C ALA C 202 10.22 3.88 -11.97
N ARG C 203 10.57 4.20 -13.22
CA ARG C 203 10.38 5.55 -13.70
C ARG C 203 8.89 5.91 -13.67
N ASP C 204 8.03 4.97 -14.14
CA ASP C 204 6.61 5.25 -14.25
C ASP C 204 6.02 5.61 -12.90
N MET C 205 6.64 5.12 -11.84
CA MET C 205 6.21 5.30 -10.47
C MET C 205 6.79 6.55 -9.82
N GLY C 206 7.72 7.23 -10.48
CA GLY C 206 8.32 8.44 -9.96
C GLY C 206 9.77 8.33 -9.53
N PHE C 207 10.42 7.17 -9.67
CA PHE C 207 11.83 7.11 -9.37
C PHE C 207 12.59 7.87 -10.46
N GLY C 208 13.78 8.33 -10.11
CA GLY C 208 14.66 9.00 -11.05
C GLY C 208 15.67 8.08 -11.71
N GLY C 209 16.02 6.97 -11.06
CA GLY C 209 17.03 6.10 -11.62
C GLY C 209 17.08 4.77 -10.90
N LEU C 210 18.17 4.06 -11.10
CA LEU C 210 18.32 2.73 -10.52
C LEU C 210 19.69 2.57 -9.88
N LEU C 211 19.73 1.89 -8.74
CA LEU C 211 21.00 1.34 -8.27
C LEU C 211 21.36 0.18 -9.19
N CYS C 212 22.58 0.16 -9.69
CA CYS C 212 23.02 -0.91 -10.54
C CYS C 212 24.34 -1.46 -10.02
N ILE C 213 24.71 -2.62 -10.57
CA ILE C 213 25.81 -3.42 -10.05
C ILE C 213 26.75 -3.93 -11.13
N HIS C 214 26.57 -3.52 -12.38
CA HIS C 214 27.45 -3.89 -13.43
C HIS C 214 27.49 -2.76 -14.44
N PRO C 215 28.64 -2.44 -15.00
CA PRO C 215 28.66 -1.39 -16.03
C PRO C 215 27.80 -1.73 -17.24
N SER C 216 27.60 -3.03 -17.53
CA SER C 216 26.78 -3.39 -18.68
C SER C 216 25.32 -3.00 -18.52
N GLN C 217 24.90 -2.64 -17.29
CA GLN C 217 23.51 -2.25 -17.03
C GLN C 217 23.23 -0.79 -17.35
N VAL C 218 24.28 0.03 -17.50
CA VAL C 218 24.09 1.48 -17.49
C VAL C 218 23.34 1.96 -18.73
N GLU C 219 23.78 1.52 -19.92
CA GLU C 219 23.13 1.96 -21.15
C GLU C 219 21.69 1.49 -21.25
N PRO C 220 21.36 0.23 -20.98
CA PRO C 220 19.94 -0.16 -20.89
C PRO C 220 19.09 0.75 -19.99
N ILE C 221 19.64 1.19 -18.86
CA ILE C 221 18.91 2.02 -17.91
C ILE C 221 18.71 3.43 -18.47
N HIS C 222 19.77 4.03 -19.03
CA HIS C 222 19.65 5.39 -19.55
C HIS C 222 18.83 5.40 -20.83
N GLN C 223 18.83 4.27 -21.55
CA GLN C 223 18.05 4.15 -22.76
C GLN C 223 16.58 3.93 -22.43
N THR C 224 16.28 3.17 -21.38
CA THR C 224 14.90 2.97 -20.98
C THR C 224 14.30 4.19 -20.31
N LEU C 225 15.13 5.07 -19.76
CA LEU C 225 14.69 6.26 -19.02
C LEU C 225 14.34 7.44 -19.93
N MET C 226 14.94 7.57 -21.10
CA MET C 226 14.62 8.67 -22.00
C MET C 226 13.19 8.54 -22.54
N PRO C 227 12.47 9.67 -22.67
CA PRO C 227 11.11 9.60 -23.22
C PRO C 227 11.12 9.01 -24.63
N SER C 228 10.11 8.20 -24.92
CA SER C 228 9.96 7.66 -26.25
C SER C 228 9.64 8.76 -27.25
N PRO C 229 9.92 8.53 -28.52
CA PRO C 229 9.42 9.46 -29.56
C PRO C 229 7.92 9.75 -29.42
N ALA C 230 7.12 8.75 -29.05
CA ALA C 230 5.67 8.92 -28.90
C ALA C 230 5.34 9.84 -27.73
N GLU C 231 5.93 9.58 -26.54
CA GLU C 231 5.63 10.41 -25.39
C GLU C 231 6.00 11.88 -25.65
N LEU C 232 7.16 12.13 -26.27
CA LEU C 232 7.52 13.50 -26.64
C LEU C 232 6.58 14.03 -27.70
N GLU C 233 6.21 13.19 -28.67
CA GLU C 233 5.26 13.65 -29.67
C GLU C 233 3.92 13.98 -29.02
N TRP C 234 3.53 13.22 -27.98
CA TRP C 234 2.30 13.51 -27.25
C TRP C 234 2.40 14.84 -26.52
N ALA C 235 3.49 15.04 -25.76
CA ALA C 235 3.67 16.26 -24.97
C ALA C 235 3.63 17.51 -25.85
N ARG C 236 4.27 17.43 -27.01
CA ARG C 236 4.25 18.52 -27.96
C ARG C 236 2.83 18.84 -28.40
N ARG C 237 2.05 17.81 -28.71
CA ARG C 237 0.71 18.08 -29.20
C ARG C 237 -0.23 18.53 -28.09
N VAL C 238 -0.07 18.05 -26.84
CA VAL C 238 -0.91 18.61 -25.79
C VAL C 238 -0.47 20.04 -25.47
N ALA C 239 0.83 20.33 -25.55
CA ALA C 239 1.28 21.71 -25.31
C ALA C 239 0.83 22.62 -26.45
N GLU C 240 0.78 22.08 -27.67
CA GLU C 240 0.38 22.84 -28.84
C GLU C 240 -1.04 23.35 -28.70
N ALA C 241 -1.94 22.50 -28.20
CA ALA C 241 -3.37 22.81 -28.10
C ALA C 241 -3.70 23.68 -26.90
N GLY C 242 -2.83 23.75 -25.91
CA GLY C 242 -3.06 24.52 -24.70
C GLY C 242 -2.29 25.82 -24.73
N ALA C 243 -1.79 26.21 -25.91
CA ALA C 243 -1.01 27.44 -26.02
C ALA C 243 -1.89 28.67 -25.92
N SER C 244 -2.98 28.70 -26.69
CA SER C 244 -3.95 29.78 -26.58
C SER C 244 -4.28 30.03 -25.11
N GLY C 245 -4.60 28.96 -24.37
CA GLY C 245 -4.80 29.04 -22.95
C GLY C 245 -6.11 28.46 -22.48
N ALA C 246 -6.79 27.73 -23.37
CA ALA C 246 -8.09 27.14 -23.04
C ALA C 246 -7.97 26.29 -21.78
N GLY C 247 -9.08 26.18 -21.05
CA GLY C 247 -9.10 25.37 -19.82
C GLY C 247 -8.99 23.88 -20.08
N VAL C 248 -9.98 23.30 -20.74
CA VAL C 248 -9.99 21.83 -20.96
C VAL C 248 -10.21 21.55 -22.45
N PHE C 249 -9.43 20.65 -23.02
CA PHE C 249 -9.55 20.23 -24.44
C PHE C 249 -9.49 18.69 -24.46
N VAL C 250 -9.31 18.09 -25.63
CA VAL C 250 -9.18 16.63 -25.77
C VAL C 250 -8.02 16.39 -26.74
N VAL C 251 -7.11 15.49 -26.38
CA VAL C 251 -5.96 15.29 -27.25
C VAL C 251 -6.02 13.93 -27.94
N ASP C 252 -5.98 12.84 -27.18
CA ASP C 252 -6.07 11.56 -27.87
C ASP C 252 -7.37 10.89 -27.47
N GLY C 253 -8.49 11.54 -27.75
CA GLY C 253 -9.69 11.02 -27.17
C GLY C 253 -9.73 11.11 -25.67
N GLU C 254 -8.71 11.73 -25.10
CA GLU C 254 -8.61 11.85 -23.63
C GLU C 254 -8.69 13.32 -23.23
N MET C 255 -9.38 13.59 -22.13
CA MET C 255 -9.52 14.96 -21.59
C MET C 255 -8.16 15.47 -21.13
N VAL C 256 -7.86 16.73 -21.44
CA VAL C 256 -6.58 17.38 -21.02
C VAL C 256 -6.95 18.60 -20.19
N ASP C 257 -6.78 18.53 -18.88
CA ASP C 257 -7.04 19.66 -17.96
C ASP C 257 -5.68 20.28 -17.59
N ALA C 258 -5.67 21.31 -16.75
CA ALA C 258 -4.42 21.91 -16.31
C ALA C 258 -3.37 20.90 -15.85
N PRO C 259 -3.68 19.94 -14.99
CA PRO C 259 -2.64 19.02 -14.52
C PRO C 259 -2.03 18.17 -15.62
N VAL C 260 -2.79 17.81 -16.67
CA VAL C 260 -2.21 17.07 -17.78
C VAL C 260 -1.29 17.97 -18.59
N LEU C 261 -1.76 19.18 -18.90
CA LEU C 261 -0.93 20.15 -19.57
C LEU C 261 0.39 20.37 -18.81
N GLY C 262 0.32 20.38 -17.48
CA GLY C 262 1.54 20.55 -16.70
C GLY C 262 2.49 19.37 -16.81
N ARG C 263 1.95 18.17 -17.01
CA ARG C 263 2.79 17.00 -17.19
C ARG C 263 3.52 17.06 -18.53
N ALA C 264 2.81 17.46 -19.58
CA ALA C 264 3.42 17.50 -20.90
C ALA C 264 4.51 18.55 -20.97
N ARG C 265 4.31 19.68 -20.27
CA ARG C 265 5.33 20.73 -20.27
C ARG C 265 6.55 20.30 -19.47
N ARG C 266 6.33 19.61 -18.35
CA ARG C 266 7.46 19.12 -17.59
C ARG C 266 8.23 18.04 -18.36
N LEU C 267 7.53 17.21 -19.13
CA LEU C 267 8.22 16.24 -19.97
C LEU C 267 9.04 16.94 -21.06
N LEU C 268 8.43 17.88 -21.79
CA LEU C 268 9.15 18.51 -22.89
C LEU C 268 10.38 19.25 -22.41
N GLU C 269 10.36 19.76 -21.18
CA GLU C 269 11.46 20.57 -20.66
C GLU C 269 12.43 19.73 -19.84
N ARG C 270 11.92 18.87 -18.95
CA ARG C 270 12.78 18.03 -18.13
C ARG C 270 13.71 17.18 -19.00
N ALA C 271 13.29 16.87 -20.22
CA ALA C 271 14.06 16.07 -21.17
C ALA C 271 13.99 16.80 -22.51
N GLY C 272 14.87 17.78 -22.71
CA GLY C 272 14.93 18.45 -24.00
C GLY C 272 14.78 19.95 -23.91
N GLU C 273 14.40 20.59 -25.02
CA GLU C 273 14.22 22.03 -25.03
C GLU C 273 12.87 22.38 -24.41
N GLY C 274 12.89 23.30 -23.42
CA GLY C 274 11.68 23.79 -22.81
C GLY C 274 11.10 25.01 -23.51
N GLY C 275 9.91 25.40 -23.07
CA GLY C 275 9.20 26.52 -23.67
C GLY C 275 8.19 26.11 -24.72
N1A ACO D . -21.38 18.62 -19.23
C2A ACO D . -22.47 18.69 -20.01
N3A ACO D . -22.59 18.54 -21.33
C4A ACO D . -21.40 18.26 -21.88
C5A ACO D . -20.20 18.15 -21.22
C6A ACO D . -20.20 18.34 -19.83
N6A ACO D . -19.11 18.27 -19.08
N7A ACO D . -19.18 17.86 -22.12
C8A ACO D . -19.79 17.81 -23.29
N9A ACO D . -21.14 18.04 -23.19
C1B ACO D . -22.13 18.08 -24.27
C2B ACO D . -21.87 19.16 -25.32
O2B ACO D . -22.65 20.30 -25.09
C3B ACO D . -22.26 18.43 -26.60
O3B ACO D . -23.68 18.38 -26.71
P3B ACO D . -24.22 19.05 -28.06
O7A ACO D . -23.78 18.17 -29.20
O8A ACO D . -25.72 19.09 -27.93
O9A ACO D . -23.60 20.43 -28.15
C4B ACO D . -21.68 17.07 -26.30
O4B ACO D . -22.12 16.84 -24.93
C5B ACO D . -20.18 16.99 -26.33
O5B ACO D . -19.72 16.70 -27.65
P1A ACO D . -18.15 16.46 -27.76
O1A ACO D . -17.69 16.83 -29.12
O2A ACO D . -17.83 15.10 -27.24
O3A ACO D . -17.59 17.52 -26.69
P2A ACO D . -16.18 18.25 -26.53
O4A ACO D . -15.11 17.37 -27.08
O5A ACO D . -16.28 19.64 -27.01
O6A ACO D . -16.00 18.27 -24.95
CBP ACO D . -14.59 18.43 -22.99
CCP ACO D . -14.77 17.78 -24.37
CDP ACO D . -13.48 17.71 -22.23
CEP ACO D . -14.20 19.89 -23.19
CAP ACO D . -15.90 18.34 -22.22
OAP ACO D . -16.38 17.01 -22.22
C9P ACO D . -15.76 18.83 -20.80
O9P ACO D . -15.51 20.00 -20.57
N8P ACO D . -15.91 17.93 -19.84
C7P ACO D . -15.68 18.23 -18.44
C6P ACO D . -14.27 18.66 -18.18
C5P ACO D . -14.17 19.43 -16.89
O5P ACO D . -14.89 20.41 -16.68
N4P ACO D . -13.26 19.03 -16.01
C3P ACO D . -12.45 19.99 -15.28
C2P ACO D . -11.77 19.38 -14.10
S1P ACO D . -12.42 17.74 -13.74
C ACO D . -11.00 16.75 -14.00
O ACO D . -10.95 15.87 -14.80
CH3 ACO D . -9.87 17.10 -13.09
H2A ACO D . -23.30 18.89 -19.54
H61A ACO D . -18.41 17.85 -19.37
H62A ACO D . -19.10 18.63 -18.30
H8A ACO D . -19.30 17.62 -24.10
H1B ACO D . -23.01 18.22 -23.88
H2B ACO D . -20.94 19.40 -25.33
HO2A ACO D . -22.99 20.54 -25.81
H3B ACO D . -21.85 18.83 -27.38
H4B ACO D . -22.06 16.40 -26.88
H51A ACO D . -19.88 16.30 -25.71
H52A ACO D . -19.80 17.84 -26.04
H121 ACO D . -14.01 18.02 -24.93
H122 ACO D . -14.79 16.82 -24.27
H131 ACO D . -13.75 16.80 -22.04
H132 ACO D . -12.67 17.69 -22.78
H133 ACO D . -13.29 18.18 -21.41
H141 ACO D . -13.50 19.96 -23.85
H142 ACO D . -13.86 20.24 -22.34
H143 ACO D . -14.97 20.40 -23.47
H10 ACO D . -16.56 18.90 -22.67
HO1 ACO D . -17.22 17.02 -22.20
HN8 ACO D . -16.15 17.13 -20.05
H71 ACO D . -15.89 17.44 -17.90
H72 ACO D . -16.28 18.94 -18.16
H61 ACO D . -13.95 19.21 -18.91
H62 ACO D . -13.70 17.87 -18.12
HN4 ACO D . -13.15 18.19 -15.88
H31 ACO D . -13.01 20.72 -14.98
H32 ACO D . -11.78 20.36 -15.89
H21 ACO D . -11.90 19.96 -13.33
H22 ACO D . -10.82 19.33 -14.28
HH31 ACO D . -10.17 17.02 -12.17
HH32 ACO D . -9.14 16.50 -13.26
HH33 ACO D . -9.59 18.02 -13.26
N1A ACO E . -12.80 -29.35 12.51
C2A ACO E . -12.76 -30.68 12.60
N3A ACO E . -13.41 -31.59 11.87
C4A ACO E . -14.17 -31.01 10.95
C5A ACO E . -14.31 -29.65 10.73
C6A ACO E . -13.59 -28.79 11.56
N6A ACO E . -13.63 -27.47 11.46
N7A ACO E . -15.19 -29.42 9.68
C8A ACO E . -15.56 -30.61 9.29
N9A ACO E . -14.96 -31.62 10.03
C1B ACO E . -15.13 -33.07 9.89
C2B ACO E . -16.53 -33.60 10.17
O2B ACO E . -16.64 -34.16 11.46
C3B ACO E . -16.70 -34.64 9.07
O3B ACO E . -16.03 -35.84 9.40
P3B ACO E . -17.05 -37.08 9.60
O7A ACO E . -16.24 -38.22 10.14
O8A ACO E . -17.62 -37.38 8.24
O9A ACO E . -18.10 -36.60 10.58
C4B ACO E . -16.01 -33.92 7.93
O4B ACO E . -14.81 -33.43 8.56
C5B ACO E . -16.75 -32.77 7.34
O5B ACO E . -17.60 -33.20 6.26
P1A ACO E . -18.19 -32.00 5.41
O1A ACO E . -19.50 -32.41 4.82
O2A ACO E . -17.14 -31.47 4.50
O3A ACO E . -18.46 -30.90 6.54
P2A ACO E . -19.63 -29.85 6.80
O4A ACO E . -20.12 -29.32 5.50
O5A ACO E . -20.61 -30.42 7.77
O6A ACO E . -18.85 -28.68 7.56
CBP ACO E . -18.06 -26.41 7.79
CCP ACO E . -18.36 -27.54 6.81
CDP ACO E . -17.69 -25.15 7.02
CEP ACO E . -19.31 -26.12 8.61
CAP ACO E . -16.91 -26.82 8.73
OAP ACO E . -15.72 -27.03 7.99
C9P ACO E . -16.66 -25.80 9.83
O9P ACO E . -17.43 -25.74 10.78
N8P ACO E . -15.62 -25.01 9.69
C7P ACO E . -14.89 -24.43 10.81
C6P ACO E . -15.69 -23.43 11.62
C5P ACO E . -15.57 -22.04 11.06
O5P ACO E . -16.02 -21.76 9.96
N4P ACO E . -14.91 -21.16 11.81
C3P ACO E . -14.99 -19.72 11.63
C2P ACO E . -14.74 -19.32 10.20
S1P ACO E . -13.95 -17.70 10.06
C ACO E . -15.12 -16.66 10.90
O ACO E . -16.21 -17.04 11.28
CH3 ACO E . -14.62 -15.27 11.10
H2A ACO E . -12.19 -31.04 13.29
H61A ACO E . -13.34 -26.98 12.12
H62A ACO E . -13.94 -27.10 10.75
H8A ACO E . -16.18 -30.75 8.57
H1B ACO E . -14.50 -33.52 10.49
H2B ACO E . -17.18 -32.88 10.06
HO2A ACO E . -17.12 -34.85 11.42
H3B ACO E . -17.64 -34.80 8.87
H4B ACO E . -15.78 -34.56 7.23
H51A ACO E . -16.12 -32.11 7.02
H52A ACO E . -17.30 -32.36 8.03
H121 ACO E . -19.03 -27.23 6.17
H122 ACO E . -17.56 -27.77 6.32
H131 ACO E . -17.48 -24.43 7.64
H132 ACO E . -18.43 -24.89 6.45
H133 ACO E . -16.91 -25.32 6.47
H141 ACO E . -19.43 -26.82 9.28
H142 ACO E . -20.08 -26.09 8.03
H143 ACO E . -19.22 -25.27 9.07
H10 ACO E . -17.16 -27.66 9.14
HO1 ACO E . -15.33 -27.70 8.29
HN8 ACO E . -15.36 -24.80 8.89
H71 ACO E . -14.09 -24.00 10.48
H72 ACO E . -14.61 -25.16 11.40
H61 ACO E . -15.39 -23.44 12.54
H62 ACO E . -16.63 -23.69 11.62
HN4 ACO E . -14.40 -21.46 12.43
H31 ACO E . -14.35 -19.28 12.21
H32 ACO E . -15.89 -19.43 11.89
H21 ACO E . -15.58 -19.30 9.73
H22 ACO E . -14.17 -19.98 9.79
HH31 ACO E . -15.20 -14.65 10.63
HH32 ACO E . -13.72 -15.20 10.76
HH33 ACO E . -14.62 -15.06 12.04
N1A ACO F . 32.46 -1.90 -11.75
C2A ACO F . 33.26 -1.82 -12.81
N3A ACO F . 33.60 -2.76 -13.69
C4A ACO F . 33.00 -3.91 -13.40
C5A ACO F . 32.14 -4.15 -12.35
C6A ACO F . 31.87 -3.09 -11.49
N6A ACO F . 31.07 -3.18 -10.43
N7A ACO F . 31.72 -5.48 -12.38
C8A ACO F . 32.31 -6.00 -13.43
N9A ACO F . 33.10 -5.08 -14.09
C1B ACO F . 33.90 -5.33 -15.27
C2B ACO F . 35.00 -6.36 -15.09
O2B ACO F . 36.16 -5.83 -14.50
C3B ACO F . 35.23 -6.78 -16.54
O3B ACO F . 36.05 -5.83 -17.21
P3B ACO F . 37.27 -6.55 -17.97
O7A ACO F . 38.16 -7.15 -16.91
O8A ACO F . 37.98 -5.48 -18.76
O9A ACO F . 36.67 -7.61 -18.86
C4B ACO F . 33.82 -6.77 -17.11
O4B ACO F . 33.07 -5.84 -16.28
C5B ACO F . 33.12 -8.11 -17.10
O5B ACO F . 32.85 -8.49 -15.74
P1A ACO F . 32.19 -9.90 -15.41
O1A ACO F . 33.15 -10.98 -15.74
O2A ACO F . 30.83 -9.98 -16.00
O3A ACO F . 32.05 -9.76 -13.82
P2A ACO F . 32.14 -10.76 -12.59
O4A ACO F . 31.11 -11.83 -12.74
O5A ACO F . 33.56 -11.17 -12.40
O6A ACO F . 31.71 -9.82 -11.38
CBP ACO F . 30.19 -8.93 -9.72
CCP ACO F . 30.31 -9.75 -11.00
CDP ACO F . 28.79 -9.12 -9.12
CEP ACO F . 31.21 -9.46 -8.71
CAP ACO F . 30.47 -7.45 -9.99
OAP ACO F . 29.69 -7.00 -11.07
C9P ACO F . 30.23 -6.56 -8.79
O9P ACO F . 31.16 -6.31 -8.03
N8P ACO F . 29.01 -6.07 -8.62
C7P ACO F . 28.72 -4.66 -8.40
C6P ACO F . 29.32 -4.12 -7.16
C5P ACO F . 29.00 -4.94 -5.93
O5P ACO F . 28.39 -6.01 -6.03
N4P ACO F . 29.30 -4.39 -4.76
C3P ACO F . 28.27 -3.85 -3.90
C2P ACO F . 26.90 -4.17 -4.42
S1P ACO F . 25.58 -3.41 -3.45
C ACO F . 24.27 -4.48 -3.89
O ACO F . 24.21 -5.63 -3.57
CH3 ACO F . 23.27 -3.83 -4.72
H2A ACO F . 33.71 -0.85 -12.98
H61A ACO F . 30.90 -4.09 -10.01
H62A ACO F . 30.63 -2.34 -10.04
H8A ACO F . 32.18 -7.02 -13.73
H1B ACO F . 34.34 -4.39 -15.60
H2B ACO F . 34.64 -7.21 -14.51
HO2A ACO F . 36.51 -5.13 -15.07
H3B ACO F . 35.67 -7.78 -16.59
H4B ACO F . 33.84 -6.40 -18.13
H51A ACO F . 33.75 -8.86 -17.58
H52A ACO F . 32.18 -8.04 -17.66
H121 ACO F . 29.91 -10.75 -10.83
H122 ACO F . 29.73 -9.27 -11.79
H131 ACO F . 28.06 -8.64 -9.77
H132 ACO F . 28.75 -8.68 -8.13
H133 ACO F . 28.57 -10.18 -9.06
H141 ACO F . 32.21 -9.20 -9.03
H142 ACO F . 31.12 -10.54 -8.62
H143 ACO F . 31.02 -9.01 -7.72
H10 ACO F . 31.51 -7.36 -10.27
HO1 ACO F . 29.84 -6.05 -11.21
HN8 ACO F . 28.23 -6.72 -8.65
H71 ACO F . 27.64 -4.53 -8.34
H72 ACO F . 29.08 -4.09 -9.25
H61 ACO F . 28.96 -3.11 -6.99
H62 ACO F . 30.40 -4.05 -7.29
HN4 ACO F . 30.27 -4.36 -4.47
H31 ACO F . 28.39 -2.76 -3.84
H32 ACO F . 28.37 -4.24 -2.90
H21 ACO F . 26.77 -5.25 -4.40
H22 ACO F . 26.82 -3.83 -5.45
HH31 ACO F . 23.19 -4.38 -5.67
HH32 ACO F . 23.57 -2.80 -4.91
HH33 ACO F . 22.30 -3.85 -4.22
#